data_8I9E
#
_entry.id   8I9E
#
_cell.length_a   1.00
_cell.length_b   1.00
_cell.length_c   1.00
_cell.angle_alpha   90.00
_cell.angle_beta   90.00
_cell.angle_gamma   90.00
#
_symmetry.space_group_name_H-M   'P 1'
#
loop_
_entity.id
_entity.type
_entity.pdbx_description
1 polymer 'Processed angiotensin-converting enzyme 2'
2 polymer 'Spike protein S1'
3 branched 2-acetamido-2-deoxy-beta-D-glucopyranose-(1-4)-2-acetamido-2-deoxy-beta-D-glucopyranose
4 non-polymer 2-acetamido-2-deoxy-beta-D-glucopyranose
#
loop_
_entity_poly.entity_id
_entity_poly.type
_entity_poly.pdbx_seq_one_letter_code
_entity_poly.pdbx_strand_id
1 'polypeptide(L)'
;MGVKVLFALICIAVAEAGTSTIEEQAKTFLDKFNHEAEDLFYQSSLASWNYNTNITEENVQNMNNAGDKWSAFLKEQSTL
AQMYPLQEIQNLTVKLQLQALQQNGSSVLSEDKSKRLNTILNTMSTIYSTGKVCNPDNPQECLLLEPGLNEIMANSLDYN
ERLWAWESWRSEVGKQLRPLYEEYVVLKNEMARANHYEDYGDYWRGDYEVNGVDGYDYSRGQLIEDVEHTFEEIKPLYEH
LHAYVRAKLMNAYPSYISPIGCLPAHLLGDMWGRFWTNLYSLTVPFGQKPNIDVTDAMVDQAWDAQRIFKEAEKFFVSVG
LPNMTQGFWENSMLTDPGNVQKAVCHPTAWDLGKGDFRILMCTKVTMDDFLTAHHEMGHIQYDMAYAAQPFLLRNGANEG
FHEAVGEIMSLSAATPKHLKSIGLLSPDFQEDNETEINFLLKQALTIVGTLPFTYMLEKWRWMVFKGEIPKDQWMKKWWE
MKREIVGVVEPVPHDETYCDPASLFHVSNDYSFIRYYTRTLYQFQFQEALCQAAKHEGPLHKCDISNSTEAGQKLFNMLR
LGKSEPWTLALENVVGAKNMNVRPLLNYFEPLFTWLKDQNKNSFVGWSTDWSPYAD
;
A
2 'polypeptide(L)'
;RVQPTESIVRFPNITNLCPFDEVFNATRFASVYAWNRKRISNCVADYSVLYNFAPFFTFKCYGVSPTKLNDLCFTNVYAD
SFVIRGNEVRQIAPGQTGNIADYNYKLPDDFTGCVIAWNSNKLDSKVSGNYNYLYRLFRKSNLKPFERDISTEIYQAGNK
PCNGVAGFNCYFPLRSYGFRPTYGVGHQPYRVVVLSFELLHAPATVCGPKKSTNLVKNKCVNF
;
E
#
# COMPACT_ATOMS: atom_id res chain seq x y z
N SER A 20 1.05 -37.07 0.96
CA SER A 20 0.32 -37.24 -0.29
C SER A 20 -1.17 -37.09 -0.11
N THR A 21 -1.59 -36.73 1.11
CA THR A 21 -2.99 -36.83 1.47
C THR A 21 -3.89 -35.90 0.65
N ILE A 22 -3.89 -34.61 0.98
CA ILE A 22 -4.41 -33.58 0.10
C ILE A 22 -3.52 -32.36 0.24
N GLU A 23 -2.76 -32.31 1.33
CA GLU A 23 -2.03 -31.11 1.70
C GLU A 23 -0.65 -31.04 1.07
N GLU A 24 0.08 -32.15 1.04
CA GLU A 24 1.39 -32.13 0.40
C GLU A 24 1.27 -31.74 -1.06
N GLN A 25 0.18 -32.12 -1.71
CA GLN A 25 0.01 -31.72 -3.10
C GLN A 25 -0.21 -30.22 -3.22
N ALA A 26 -1.01 -29.65 -2.31
CA ALA A 26 -1.20 -28.20 -2.34
C ALA A 26 0.11 -27.46 -2.09
N LYS A 27 0.92 -27.96 -1.17
CA LYS A 27 2.20 -27.31 -0.88
C LYS A 27 3.13 -27.38 -2.08
N THR A 28 3.26 -28.56 -2.67
CA THR A 28 4.09 -28.70 -3.86
C THR A 28 3.64 -27.77 -4.97
N PHE A 29 2.32 -27.65 -5.17
CA PHE A 29 1.83 -26.75 -6.22
C PHE A 29 2.14 -25.29 -5.89
N LEU A 30 2.00 -24.91 -4.63
CA LEU A 30 2.27 -23.53 -4.26
C LEU A 30 3.75 -23.17 -4.45
N ASP A 31 4.65 -24.13 -4.30
CA ASP A 31 6.07 -23.84 -4.54
C ASP A 31 6.31 -23.36 -5.97
N LYS A 32 5.87 -24.15 -6.95
CA LYS A 32 6.04 -23.77 -8.34
C LYS A 32 5.32 -22.47 -8.64
N PHE A 33 4.12 -22.27 -8.08
CA PHE A 33 3.43 -21.02 -8.32
C PHE A 33 4.25 -19.84 -7.82
N ASN A 34 4.81 -19.96 -6.61
CA ASN A 34 5.61 -18.87 -6.07
C ASN A 34 6.76 -18.52 -6.99
N HIS A 35 7.51 -19.52 -7.43
CA HIS A 35 8.65 -19.26 -8.30
C HIS A 35 8.23 -18.51 -9.57
N GLU A 36 7.30 -19.10 -10.33
CA GLU A 36 6.95 -18.49 -11.62
C GLU A 36 6.32 -17.11 -11.43
N ALA A 37 5.48 -16.96 -10.41
CA ALA A 37 4.83 -15.68 -10.20
C ALA A 37 5.84 -14.61 -9.85
N GLU A 38 6.81 -14.93 -9.01
CA GLU A 38 7.83 -13.94 -8.66
C GLU A 38 8.54 -13.45 -9.92
N ASP A 39 8.92 -14.37 -10.80
CA ASP A 39 9.62 -13.96 -12.01
C ASP A 39 8.76 -13.04 -12.88
N LEU A 40 7.56 -13.52 -13.25
CA LEU A 40 6.73 -12.73 -14.16
C LEU A 40 6.35 -11.39 -13.54
N PHE A 41 6.14 -11.35 -12.23
CA PHE A 41 5.79 -10.10 -11.58
C PHE A 41 6.93 -9.11 -11.65
N TYR A 42 8.17 -9.57 -11.43
CA TYR A 42 9.28 -8.63 -11.55
C TYR A 42 9.36 -8.06 -12.95
N GLN A 43 9.18 -8.90 -13.97
CA GLN A 43 9.24 -8.38 -15.34
C GLN A 43 8.16 -7.33 -15.59
N SER A 44 6.92 -7.64 -15.22
CA SER A 44 5.84 -6.69 -15.47
C SER A 44 6.05 -5.38 -14.72
N SER A 45 6.48 -5.46 -13.46
CA SER A 45 6.65 -4.23 -12.69
C SER A 45 7.81 -3.40 -13.21
N LEU A 46 8.89 -4.04 -13.68
CA LEU A 46 9.98 -3.27 -14.26
C LEU A 46 9.53 -2.56 -15.52
N ALA A 47 8.74 -3.23 -16.35
CA ALA A 47 8.21 -2.56 -17.54
C ALA A 47 7.36 -1.36 -17.17
N SER A 48 6.48 -1.52 -16.18
CA SER A 48 5.61 -0.41 -15.80
C SER A 48 6.40 0.75 -15.21
N TRP A 49 7.47 0.46 -14.47
CA TRP A 49 8.32 1.53 -13.96
C TRP A 49 9.02 2.26 -15.10
N ASN A 50 9.65 1.51 -16.01
CA ASN A 50 10.35 2.13 -17.13
C ASN A 50 9.42 2.92 -18.02
N TYR A 51 8.11 2.62 -18.01
CA TYR A 51 7.20 3.51 -18.71
C TYR A 51 6.83 4.73 -17.89
N ASN A 52 6.63 4.57 -16.57
CA ASN A 52 6.14 5.68 -15.78
C ASN A 52 7.17 6.78 -15.59
N THR A 53 8.45 6.47 -15.70
CA THR A 53 9.48 7.49 -15.52
C THR A 53 10.00 8.05 -16.83
N ASN A 54 9.57 7.51 -17.97
CA ASN A 54 10.09 7.95 -19.26
C ASN A 54 9.05 7.59 -20.32
N ILE A 55 8.24 8.55 -20.71
CA ILE A 55 7.09 8.28 -21.57
C ILE A 55 7.51 8.37 -23.03
N THR A 56 7.08 7.39 -23.82
CA THR A 56 7.30 7.38 -25.27
C THR A 56 6.11 6.65 -25.88
N GLU A 57 6.25 6.20 -27.14
CA GLU A 57 5.23 5.40 -27.77
C GLU A 57 5.58 3.92 -27.85
N GLU A 58 6.85 3.56 -27.70
CA GLU A 58 7.21 2.15 -27.64
C GLU A 58 7.14 1.59 -26.22
N ASN A 59 7.38 2.43 -25.21
CA ASN A 59 7.31 1.94 -23.84
C ASN A 59 5.89 1.55 -23.46
N VAL A 60 4.88 2.19 -24.06
CA VAL A 60 3.51 1.79 -23.81
C VAL A 60 3.30 0.33 -24.21
N GLN A 61 3.82 -0.04 -25.38
CA GLN A 61 3.67 -1.43 -25.82
C GLN A 61 4.53 -2.37 -24.99
N ASN A 62 5.76 -1.97 -24.69
CA ASN A 62 6.61 -2.81 -23.84
C ASN A 62 6.02 -3.03 -22.46
N MET A 63 5.14 -2.14 -22.02
CA MET A 63 4.45 -2.34 -20.75
C MET A 63 3.20 -3.19 -20.89
N ASN A 64 2.38 -2.92 -21.92
CA ASN A 64 1.15 -3.68 -22.08
C ASN A 64 1.42 -5.14 -22.39
N ASN A 65 2.50 -5.43 -23.11
CA ASN A 65 2.86 -6.81 -23.38
C ASN A 65 3.00 -7.62 -22.10
N ALA A 66 3.90 -7.17 -21.22
CA ALA A 66 4.12 -7.86 -19.95
C ALA A 66 2.86 -7.85 -19.09
N GLY A 67 2.08 -6.77 -19.13
CA GLY A 67 0.87 -6.73 -18.32
C GLY A 67 -0.12 -7.82 -18.71
N ASP A 68 -0.40 -7.94 -20.00
CA ASP A 68 -1.33 -8.99 -20.43
C ASP A 68 -0.74 -10.38 -20.22
N LYS A 69 0.57 -10.54 -20.37
CA LYS A 69 1.17 -11.85 -20.09
C LYS A 69 0.96 -12.25 -18.63
N TRP A 70 1.20 -11.31 -17.71
CA TRP A 70 1.03 -11.61 -16.29
C TRP A 70 -0.44 -11.92 -15.98
N SER A 71 -1.36 -11.16 -16.56
CA SER A 71 -2.78 -11.43 -16.28
C SER A 71 -3.18 -12.81 -16.80
N ALA A 72 -2.71 -13.19 -17.98
CA ALA A 72 -3.04 -14.51 -18.51
C ALA A 72 -2.47 -15.62 -17.64
N PHE A 73 -1.22 -15.46 -17.18
CA PHE A 73 -0.63 -16.46 -16.31
C PHE A 73 -1.44 -16.62 -15.02
N LEU A 74 -1.83 -15.51 -14.41
CA LEU A 74 -2.60 -15.59 -13.18
C LEU A 74 -3.95 -16.27 -13.43
N LYS A 75 -4.60 -15.96 -14.56
CA LYS A 75 -5.88 -16.59 -14.84
C LYS A 75 -5.74 -18.09 -15.00
N GLU A 76 -4.72 -18.53 -15.74
CA GLU A 76 -4.52 -19.96 -15.93
C GLU A 76 -4.24 -20.65 -14.60
N GLN A 77 -3.37 -20.07 -13.77
CA GLN A 77 -3.06 -20.70 -12.50
C GLN A 77 -4.26 -20.74 -11.57
N SER A 78 -5.11 -19.72 -11.62
CA SER A 78 -6.33 -19.74 -10.80
C SER A 78 -7.26 -20.85 -11.26
N THR A 79 -7.45 -20.99 -12.57
CA THR A 79 -8.26 -22.10 -13.08
C THR A 79 -7.66 -23.44 -12.69
N LEU A 80 -6.34 -23.51 -12.58
CA LEU A 80 -5.70 -24.77 -12.24
C LEU A 80 -5.79 -25.10 -10.75
N ALA A 81 -5.84 -24.08 -9.89
CA ALA A 81 -5.84 -24.31 -8.45
C ALA A 81 -7.23 -24.60 -7.89
N GLN A 82 -8.21 -24.92 -8.73
CA GLN A 82 -9.53 -25.24 -8.23
C GLN A 82 -9.69 -26.71 -7.88
N MET A 83 -8.68 -27.53 -8.13
CA MET A 83 -8.81 -28.97 -7.96
C MET A 83 -8.38 -29.44 -6.58
N TYR A 84 -8.11 -28.53 -5.64
CA TYR A 84 -7.76 -28.91 -4.29
C TYR A 84 -8.86 -28.46 -3.35
N PRO A 85 -9.70 -29.36 -2.85
CA PRO A 85 -10.84 -28.96 -2.03
C PRO A 85 -10.38 -28.24 -0.77
N LEU A 86 -10.84 -26.99 -0.62
CA LEU A 86 -10.38 -26.16 0.49
C LEU A 86 -10.74 -26.72 1.85
N GLN A 87 -11.74 -27.60 1.94
CA GLN A 87 -12.23 -28.09 3.21
C GLN A 87 -11.41 -29.26 3.75
N GLU A 88 -10.23 -29.50 3.19
CA GLU A 88 -9.35 -30.55 3.69
C GLU A 88 -7.99 -30.05 4.11
N ILE A 89 -7.54 -28.90 3.62
CA ILE A 89 -6.27 -28.33 4.03
C ILE A 89 -6.36 -27.94 5.50
N GLN A 90 -5.47 -28.48 6.32
CA GLN A 90 -5.51 -28.26 7.76
C GLN A 90 -4.59 -27.14 8.23
N ASN A 91 -3.56 -26.79 7.47
CA ASN A 91 -2.69 -25.70 7.86
C ASN A 91 -3.45 -24.38 7.79
N LEU A 92 -2.76 -23.29 8.11
CA LEU A 92 -3.36 -21.97 7.97
C LEU A 92 -2.78 -21.18 6.81
N THR A 93 -1.46 -21.05 6.74
CA THR A 93 -0.87 -20.27 5.66
C THR A 93 -1.13 -20.90 4.31
N VAL A 94 -1.10 -22.24 4.23
CA VAL A 94 -1.46 -22.91 2.99
C VAL A 94 -2.89 -22.60 2.61
N LYS A 95 -3.81 -22.63 3.57
CA LYS A 95 -5.20 -22.34 3.27
C LYS A 95 -5.38 -20.88 2.88
N LEU A 96 -4.67 -19.97 3.55
CA LEU A 96 -4.76 -18.56 3.20
C LEU A 96 -4.32 -18.32 1.76
N GLN A 97 -3.20 -18.92 1.35
CA GLN A 97 -2.74 -18.76 -0.02
C GLN A 97 -3.73 -19.36 -1.00
N LEU A 98 -4.13 -20.61 -0.79
CA LEU A 98 -5.03 -21.26 -1.73
C LEU A 98 -6.35 -20.52 -1.86
N GLN A 99 -6.81 -19.91 -0.76
CA GLN A 99 -8.06 -19.17 -0.79
C GLN A 99 -7.90 -17.83 -1.49
N ALA A 100 -6.78 -17.15 -1.28
CA ALA A 100 -6.52 -15.92 -2.02
C ALA A 100 -6.25 -16.19 -3.49
N LEU A 101 -6.02 -17.44 -3.88
CA LEU A 101 -5.77 -17.78 -5.27
C LEU A 101 -6.99 -18.35 -5.98
N GLN A 102 -7.91 -19.00 -5.25
CA GLN A 102 -9.09 -19.60 -5.85
C GLN A 102 -10.20 -18.63 -6.17
N GLN A 103 -10.02 -17.35 -5.86
CA GLN A 103 -11.11 -16.39 -6.03
C GLN A 103 -11.52 -16.29 -7.48
N ASN A 104 -12.75 -16.71 -7.77
CA ASN A 104 -13.26 -16.67 -9.14
C ASN A 104 -13.32 -15.25 -9.67
N GLY A 105 -13.61 -14.28 -8.81
CA GLY A 105 -13.67 -12.89 -9.24
C GLY A 105 -14.75 -12.67 -10.27
N SER A 106 -14.42 -11.89 -11.28
CA SER A 106 -15.32 -11.76 -12.42
C SER A 106 -15.18 -12.97 -13.30
N SER A 107 -15.71 -12.93 -14.51
CA SER A 107 -15.70 -14.02 -15.49
C SER A 107 -16.51 -15.22 -15.03
N VAL A 108 -17.18 -15.15 -13.88
CA VAL A 108 -18.19 -16.15 -13.58
C VAL A 108 -19.47 -15.87 -14.37
N LEU A 109 -19.66 -14.65 -14.83
CA LEU A 109 -20.79 -14.32 -15.68
C LEU A 109 -20.61 -14.93 -17.06
N SER A 110 -21.67 -14.90 -17.85
CA SER A 110 -21.57 -15.26 -19.25
C SER A 110 -20.68 -14.27 -19.98
N GLU A 111 -20.44 -14.54 -21.27
CA GLU A 111 -19.54 -13.67 -22.01
C GLU A 111 -20.17 -12.30 -22.27
N ASP A 112 -21.44 -12.27 -22.67
CA ASP A 112 -22.09 -11.01 -22.99
C ASP A 112 -22.12 -10.10 -21.77
N LYS A 113 -22.43 -10.65 -20.60
CA LYS A 113 -22.52 -9.80 -19.42
C LYS A 113 -21.14 -9.29 -19.02
N SER A 114 -20.09 -10.09 -19.18
CA SER A 114 -18.76 -9.61 -18.86
C SER A 114 -18.34 -8.49 -19.79
N LYS A 115 -18.60 -8.64 -21.08
CA LYS A 115 -18.28 -7.58 -22.02
C LYS A 115 -19.06 -6.31 -21.72
N ARG A 116 -20.33 -6.45 -21.38
CA ARG A 116 -21.14 -5.27 -21.09
C ARG A 116 -20.66 -4.57 -19.82
N LEU A 117 -20.27 -5.34 -18.80
CA LEU A 117 -19.75 -4.71 -17.59
C LEU A 117 -18.48 -3.94 -17.89
N ASN A 118 -17.56 -4.54 -18.66
CA ASN A 118 -16.33 -3.83 -19.00
C ASN A 118 -16.64 -2.55 -19.76
N THR A 119 -17.59 -2.61 -20.69
CA THR A 119 -17.90 -1.43 -21.49
C THR A 119 -18.49 -0.31 -20.65
N ILE A 120 -19.41 -0.63 -19.74
CA ILE A 120 -19.99 0.46 -18.96
C ILE A 120 -18.98 1.00 -17.96
N LEU A 121 -18.05 0.17 -17.47
CA LEU A 121 -17.00 0.70 -16.61
C LEU A 121 -16.12 1.70 -17.37
N ASN A 122 -15.73 1.33 -18.59
CA ASN A 122 -14.92 2.25 -19.39
C ASN A 122 -15.67 3.53 -19.70
N THR A 123 -16.95 3.43 -20.05
CA THR A 123 -17.71 4.62 -20.40
C THR A 123 -17.88 5.53 -19.19
N MET A 124 -18.10 4.98 -18.01
CA MET A 124 -18.21 5.83 -16.83
C MET A 124 -16.90 6.53 -16.53
N SER A 125 -15.78 5.81 -16.64
CA SER A 125 -14.50 6.47 -16.35
C SER A 125 -14.21 7.56 -17.37
N THR A 126 -14.50 7.33 -18.65
CA THR A 126 -14.26 8.35 -19.67
C THR A 126 -15.14 9.57 -19.43
N ILE A 127 -16.43 9.36 -19.12
CA ILE A 127 -17.31 10.48 -18.87
C ILE A 127 -16.82 11.31 -17.70
N TYR A 128 -16.42 10.66 -16.61
CA TYR A 128 -15.93 11.43 -15.48
C TYR A 128 -14.64 12.17 -15.82
N SER A 129 -13.79 11.58 -16.65
CA SER A 129 -12.48 12.19 -16.91
C SER A 129 -12.57 13.39 -17.83
N THR A 130 -13.28 13.26 -18.95
CA THR A 130 -13.24 14.29 -19.98
C THR A 130 -14.58 15.00 -20.16
N GLY A 131 -15.31 15.25 -19.09
CA GLY A 131 -16.53 16.03 -19.20
C GLY A 131 -16.29 17.50 -18.89
N LYS A 132 -17.08 18.36 -19.52
CA LYS A 132 -16.83 19.79 -19.43
C LYS A 132 -18.13 20.56 -19.35
N VAL A 133 -18.10 21.69 -18.67
CA VAL A 133 -19.24 22.59 -18.51
C VAL A 133 -18.80 24.00 -18.87
N CYS A 134 -19.68 24.73 -19.54
CA CYS A 134 -19.40 26.09 -19.97
C CYS A 134 -20.36 27.15 -19.43
N ASN A 135 -19.85 28.38 -19.49
CA ASN A 135 -20.52 29.60 -19.08
C ASN A 135 -21.89 29.71 -19.72
N PRO A 136 -22.85 30.37 -19.08
CA PRO A 136 -24.17 30.54 -19.68
C PRO A 136 -24.30 31.75 -20.60
N ASP A 137 -23.29 32.61 -20.67
CA ASP A 137 -23.35 33.80 -21.52
C ASP A 137 -22.29 33.81 -22.62
N ASN A 138 -21.49 32.76 -22.73
CA ASN A 138 -20.47 32.65 -23.76
C ASN A 138 -20.13 31.18 -23.92
N PRO A 139 -20.91 30.42 -24.66
CA PRO A 139 -20.83 28.96 -24.59
C PRO A 139 -19.63 28.36 -25.30
N GLN A 140 -18.65 29.17 -25.65
CA GLN A 140 -17.44 28.69 -26.31
C GLN A 140 -16.23 28.82 -25.40
N GLU A 141 -16.45 28.68 -24.10
CA GLU A 141 -15.42 28.90 -23.09
C GLU A 141 -15.52 27.86 -21.97
N CYS A 142 -15.65 26.60 -22.36
CA CYS A 142 -15.76 25.51 -21.40
C CYS A 142 -14.48 25.26 -20.62
N LEU A 143 -14.58 24.46 -19.55
CA LEU A 143 -13.43 24.14 -18.72
C LEU A 143 -13.67 22.81 -18.02
N LEU A 144 -12.64 21.98 -17.99
CA LEU A 144 -12.75 20.62 -17.49
C LEU A 144 -12.92 20.60 -15.98
N LEU A 145 -12.91 19.42 -15.36
CA LEU A 145 -13.02 19.36 -13.91
C LEU A 145 -11.69 19.64 -13.23
N GLU A 146 -10.63 18.92 -13.60
CA GLU A 146 -9.41 18.97 -12.82
C GLU A 146 -8.71 20.32 -12.92
N PRO A 147 -8.21 20.75 -14.08
CA PRO A 147 -7.58 22.06 -14.11
C PRO A 147 -8.58 23.15 -14.41
N GLY A 148 -9.32 23.61 -13.40
CA GLY A 148 -10.15 24.78 -13.61
C GLY A 148 -11.53 24.80 -12.98
N LEU A 149 -12.18 23.66 -12.80
CA LEU A 149 -13.45 23.66 -12.10
C LEU A 149 -13.23 23.53 -10.59
N ASN A 150 -12.41 22.58 -10.18
CA ASN A 150 -12.15 22.42 -8.75
C ASN A 150 -11.04 23.36 -8.33
N GLU A 151 -10.72 24.33 -9.19
CA GLU A 151 -9.95 25.50 -8.81
C GLU A 151 -10.83 26.67 -8.42
N ILE A 152 -12.04 26.76 -8.98
CA ILE A 152 -13.02 27.74 -8.52
C ILE A 152 -13.56 27.37 -7.15
N MET A 153 -13.84 26.09 -6.93
CA MET A 153 -14.46 25.66 -5.68
C MET A 153 -13.53 25.90 -4.50
N ALA A 154 -12.22 25.93 -4.74
CA ALA A 154 -11.26 25.92 -3.64
C ALA A 154 -10.63 27.30 -3.45
N ASN A 155 -11.06 28.26 -4.26
CA ASN A 155 -10.40 29.56 -4.19
C ASN A 155 -11.36 30.74 -4.22
N SER A 156 -12.57 30.55 -4.73
CA SER A 156 -13.46 31.68 -4.95
C SER A 156 -14.18 32.07 -3.67
N LEU A 157 -14.53 33.34 -3.56
CA LEU A 157 -15.30 33.85 -2.43
C LEU A 157 -16.60 34.48 -2.89
N ASP A 158 -17.07 34.13 -4.08
CA ASP A 158 -18.32 34.63 -4.62
C ASP A 158 -19.38 33.56 -4.43
N TYR A 159 -20.56 33.95 -3.95
CA TYR A 159 -21.62 32.96 -3.77
C TYR A 159 -22.12 32.45 -5.12
N ASN A 160 -22.38 33.37 -6.06
CA ASN A 160 -23.00 32.98 -7.32
C ASN A 160 -22.08 32.13 -8.19
N GLU A 161 -20.77 32.41 -8.16
CA GLU A 161 -19.86 31.63 -8.99
C GLU A 161 -19.72 30.21 -8.47
N ARG A 162 -19.58 30.04 -7.16
CA ARG A 162 -19.53 28.71 -6.60
C ARG A 162 -20.83 27.96 -6.85
N LEU A 163 -21.97 28.66 -6.75
CA LEU A 163 -23.23 27.97 -6.99
C LEU A 163 -23.35 27.52 -8.44
N TRP A 164 -22.93 28.36 -9.38
CA TRP A 164 -22.94 27.95 -10.78
C TRP A 164 -22.08 26.72 -10.99
N ALA A 165 -20.85 26.71 -10.46
CA ALA A 165 -19.97 25.57 -10.66
C ALA A 165 -20.58 24.29 -10.08
N TRP A 166 -21.00 24.35 -8.82
CA TRP A 166 -21.56 23.17 -8.16
C TRP A 166 -22.78 22.65 -8.90
N GLU A 167 -23.73 23.53 -9.23
CA GLU A 167 -24.93 23.07 -9.91
C GLU A 167 -24.63 22.52 -11.28
N SER A 168 -23.75 23.16 -12.03
CA SER A 168 -23.56 22.78 -13.43
C SER A 168 -22.81 21.47 -13.55
N TRP A 169 -21.84 21.21 -12.68
CA TRP A 169 -21.15 19.92 -12.76
C TRP A 169 -22.13 18.78 -12.58
N ARG A 170 -22.99 18.86 -11.58
CA ARG A 170 -23.92 17.77 -11.29
C ARG A 170 -25.03 17.69 -12.33
N SER A 171 -25.40 18.82 -12.93
CA SER A 171 -26.48 18.78 -13.90
C SER A 171 -26.03 18.39 -15.29
N GLU A 172 -24.74 18.54 -15.62
CA GLU A 172 -24.28 18.26 -16.96
C GLU A 172 -23.32 17.08 -17.05
N VAL A 173 -22.88 16.50 -15.94
CA VAL A 173 -22.16 15.25 -15.95
C VAL A 173 -22.86 14.18 -15.12
N GLY A 174 -23.37 14.55 -13.95
CA GLY A 174 -24.12 13.61 -13.14
C GLY A 174 -25.33 13.00 -13.84
N LYS A 175 -25.89 13.69 -14.82
CA LYS A 175 -27.06 13.19 -15.52
C LYS A 175 -26.72 12.28 -16.68
N GLN A 176 -25.44 12.12 -17.02
CA GLN A 176 -25.01 11.14 -17.99
C GLN A 176 -24.61 9.82 -17.35
N LEU A 177 -24.38 9.83 -16.03
CA LEU A 177 -23.93 8.65 -15.31
C LEU A 177 -25.04 7.88 -14.65
N ARG A 178 -26.28 8.35 -14.71
CA ARG A 178 -27.34 7.64 -14.02
C ARG A 178 -27.78 6.39 -14.76
N PRO A 179 -28.15 6.47 -16.05
CA PRO A 179 -28.59 5.25 -16.74
C PRO A 179 -27.51 4.20 -16.86
N LEU A 180 -26.23 4.56 -16.67
CA LEU A 180 -25.18 3.56 -16.64
C LEU A 180 -25.02 2.96 -15.25
N TYR A 181 -25.16 3.78 -14.21
CA TYR A 181 -25.06 3.26 -12.85
C TYR A 181 -26.20 2.31 -12.55
N GLU A 182 -27.38 2.58 -13.08
CA GLU A 182 -28.54 1.75 -12.78
C GLU A 182 -28.36 0.30 -13.24
N GLU A 183 -27.48 0.05 -14.20
CA GLU A 183 -27.22 -1.33 -14.60
C GLU A 183 -25.83 -1.82 -14.20
N TYR A 184 -24.89 -0.92 -13.91
CA TYR A 184 -23.70 -1.34 -13.19
C TYR A 184 -24.09 -2.01 -11.89
N VAL A 185 -25.09 -1.47 -11.19
CA VAL A 185 -25.52 -2.08 -9.93
C VAL A 185 -26.05 -3.49 -10.17
N VAL A 186 -26.87 -3.69 -11.19
CA VAL A 186 -27.46 -5.01 -11.43
C VAL A 186 -26.38 -6.02 -11.80
N LEU A 187 -25.47 -5.65 -12.70
CA LEU A 187 -24.45 -6.61 -13.13
C LEU A 187 -23.50 -6.95 -11.98
N LYS A 188 -23.12 -5.96 -11.18
CA LYS A 188 -22.24 -6.26 -10.06
C LYS A 188 -22.95 -7.12 -9.03
N ASN A 189 -24.22 -6.84 -8.75
CA ASN A 189 -24.97 -7.65 -7.80
C ASN A 189 -25.05 -9.08 -8.26
N GLU A 190 -25.27 -9.30 -9.54
CA GLU A 190 -25.36 -10.67 -10.04
C GLU A 190 -24.02 -11.38 -10.02
N MET A 191 -22.94 -10.68 -10.36
CA MET A 191 -21.61 -11.28 -10.24
C MET A 191 -21.32 -11.69 -8.80
N ALA A 192 -21.67 -10.84 -7.84
CA ALA A 192 -21.38 -11.19 -6.45
C ALA A 192 -22.28 -12.29 -5.92
N ARG A 193 -23.51 -12.36 -6.42
CA ARG A 193 -24.39 -13.45 -6.00
C ARG A 193 -23.95 -14.78 -6.59
N ALA A 194 -23.26 -14.76 -7.72
CA ALA A 194 -22.77 -16.01 -8.27
C ALA A 194 -21.57 -16.56 -7.54
N ASN A 195 -21.12 -15.93 -6.45
CA ASN A 195 -19.97 -16.41 -5.69
C ASN A 195 -20.34 -16.71 -4.23
N HIS A 196 -21.63 -16.87 -3.93
CA HIS A 196 -22.09 -17.08 -2.56
C HIS A 196 -21.68 -15.93 -1.66
N TYR A 197 -22.15 -14.73 -2.00
CA TYR A 197 -21.81 -13.52 -1.27
C TYR A 197 -23.01 -12.66 -0.89
N GLU A 198 -24.16 -12.84 -1.52
CA GLU A 198 -25.46 -12.27 -1.20
C GLU A 198 -25.62 -10.80 -1.66
N ASP A 199 -24.54 -10.11 -2.03
CA ASP A 199 -24.62 -8.84 -2.75
C ASP A 199 -23.22 -8.30 -2.99
N TYR A 200 -23.07 -7.20 -3.69
CA TYR A 200 -21.74 -6.64 -3.92
C TYR A 200 -21.17 -5.99 -2.66
N GLY A 201 -22.03 -5.36 -1.85
CA GLY A 201 -21.54 -4.76 -0.62
C GLY A 201 -20.92 -5.78 0.31
N ASP A 202 -21.50 -6.98 0.34
CA ASP A 202 -20.90 -8.06 1.13
C ASP A 202 -19.56 -8.46 0.55
N TYR A 203 -19.45 -8.51 -0.77
CA TYR A 203 -18.16 -8.79 -1.41
C TYR A 203 -17.11 -7.79 -0.97
N TRP A 204 -17.50 -6.51 -0.87
CA TRP A 204 -16.53 -5.49 -0.47
C TRP A 204 -16.15 -5.66 0.99
N ARG A 205 -17.14 -5.84 1.87
CA ARG A 205 -16.82 -6.03 3.28
C ARG A 205 -16.09 -7.34 3.54
N GLY A 206 -16.02 -8.23 2.56
CA GLY A 206 -15.35 -9.49 2.75
C GLY A 206 -13.85 -9.42 2.81
N ASP A 207 -13.30 -8.25 3.11
CA ASP A 207 -11.87 -8.10 3.31
C ASP A 207 -11.49 -8.10 4.78
N TYR A 208 -12.38 -7.63 5.65
CA TYR A 208 -12.14 -7.61 7.09
C TYR A 208 -12.56 -8.90 7.77
N GLU A 209 -12.60 -10.01 7.06
CA GLU A 209 -13.14 -11.25 7.57
C GLU A 209 -12.03 -12.19 8.06
N VAL A 210 -12.27 -12.82 9.20
CA VAL A 210 -11.40 -13.85 9.74
C VAL A 210 -12.26 -15.06 10.10
N ASN A 211 -11.81 -16.24 9.73
CA ASN A 211 -12.58 -17.46 9.95
C ASN A 211 -11.69 -18.55 10.52
N GLY A 212 -12.07 -19.08 11.67
CA GLY A 212 -11.43 -20.27 12.20
C GLY A 212 -10.06 -20.06 12.82
N VAL A 213 -9.95 -19.12 13.75
CA VAL A 213 -8.73 -18.96 14.55
C VAL A 213 -9.01 -19.05 16.04
N ASP A 214 -10.27 -19.15 16.46
CA ASP A 214 -10.63 -19.44 17.84
C ASP A 214 -10.08 -18.37 18.80
N GLY A 215 -10.58 -17.16 18.63
CA GLY A 215 -10.25 -16.09 19.55
C GLY A 215 -10.14 -14.75 18.86
N TYR A 216 -9.95 -14.77 17.55
CA TYR A 216 -9.82 -13.56 16.75
C TYR A 216 -10.78 -13.56 15.57
N ASP A 217 -11.97 -14.10 15.77
CA ASP A 217 -12.94 -14.16 14.69
C ASP A 217 -13.44 -12.76 14.33
N TYR A 218 -14.03 -12.66 13.15
CA TYR A 218 -14.64 -11.42 12.69
C TYR A 218 -15.54 -11.71 11.50
N SER A 219 -16.82 -11.36 11.60
CA SER A 219 -17.76 -11.67 10.53
C SER A 219 -17.80 -10.53 9.52
N ARG A 220 -18.31 -10.83 8.33
CA ARG A 220 -18.50 -9.78 7.34
C ARG A 220 -19.65 -8.86 7.70
N GLY A 221 -20.47 -9.25 8.67
CA GLY A 221 -21.57 -8.41 9.09
C GLY A 221 -21.32 -7.64 10.35
N GLN A 222 -20.20 -7.87 11.02
CA GLN A 222 -19.86 -7.09 12.19
C GLN A 222 -19.17 -5.78 11.86
N LEU A 223 -18.66 -5.64 10.64
CA LEU A 223 -18.04 -4.38 10.26
C LEU A 223 -19.05 -3.25 10.29
N ILE A 224 -20.28 -3.52 9.84
CA ILE A 224 -21.32 -2.50 9.87
C ILE A 224 -21.59 -2.07 11.30
N GLU A 225 -21.76 -3.03 12.20
CA GLU A 225 -22.07 -2.70 13.59
C GLU A 225 -20.94 -1.93 14.24
N ASP A 226 -19.70 -2.33 13.97
CA ASP A 226 -18.57 -1.65 14.61
C ASP A 226 -18.40 -0.24 14.07
N VAL A 227 -18.56 -0.05 12.76
CA VAL A 227 -18.50 1.31 12.21
C VAL A 227 -19.60 2.16 12.83
N GLU A 228 -20.83 1.64 12.88
CA GLU A 228 -21.94 2.43 13.41
C GLU A 228 -21.80 2.72 14.89
N HIS A 229 -21.12 1.85 15.63
CA HIS A 229 -20.95 2.10 17.06
C HIS A 229 -19.80 3.03 17.37
N THR A 230 -18.73 3.00 16.58
CA THR A 230 -17.66 3.96 16.81
C THR A 230 -17.94 5.31 16.20
N PHE A 231 -18.89 5.43 15.28
CA PHE A 231 -19.26 6.76 14.82
C PHE A 231 -20.13 7.50 15.82
N GLU A 232 -20.82 6.79 16.71
CA GLU A 232 -21.68 7.43 17.68
C GLU A 232 -20.92 8.17 18.77
N GLU A 233 -19.60 7.98 18.87
CA GLU A 233 -18.81 8.67 19.87
C GLU A 233 -18.03 9.85 19.29
N ILE A 234 -18.08 10.04 17.98
CA ILE A 234 -17.45 11.20 17.36
C ILE A 234 -18.40 12.39 17.28
N LYS A 235 -19.71 12.17 17.35
CA LYS A 235 -20.65 13.25 17.14
C LYS A 235 -20.50 14.42 18.10
N PRO A 236 -20.25 14.24 19.40
CA PRO A 236 -20.09 15.42 20.27
C PRO A 236 -18.96 16.35 19.86
N LEU A 237 -17.96 15.88 19.11
CA LEU A 237 -16.91 16.76 18.65
C LEU A 237 -17.22 17.34 17.27
N TYR A 238 -17.78 16.51 16.39
CA TYR A 238 -18.12 17.01 15.07
C TYR A 238 -19.20 18.07 15.14
N GLU A 239 -20.15 17.96 16.08
CA GLU A 239 -21.17 18.99 16.21
C GLU A 239 -20.55 20.33 16.61
N HIS A 240 -19.58 20.31 17.51
CA HIS A 240 -18.97 21.57 17.93
C HIS A 240 -18.13 22.18 16.82
N LEU A 241 -17.36 21.35 16.11
CA LEU A 241 -16.63 21.88 14.97
C LEU A 241 -17.58 22.44 13.93
N HIS A 242 -18.73 21.81 13.75
CA HIS A 242 -19.75 22.29 12.83
C HIS A 242 -20.27 23.66 13.25
N ALA A 243 -20.60 23.81 14.53
CA ALA A 243 -21.11 25.08 15.01
C ALA A 243 -20.09 26.18 14.82
N TYR A 244 -18.82 25.88 15.07
CA TYR A 244 -17.78 26.89 14.88
C TYR A 244 -17.64 27.30 13.42
N VAL A 245 -17.55 26.32 12.52
CA VAL A 245 -17.39 26.64 11.11
C VAL A 245 -18.58 27.44 10.62
N ARG A 246 -19.78 27.15 11.13
CA ARG A 246 -20.95 27.87 10.67
C ARG A 246 -20.95 29.31 11.17
N ALA A 247 -20.68 29.51 12.45
CA ALA A 247 -20.64 30.87 12.96
C ALA A 247 -19.50 31.69 12.36
N LYS A 248 -18.51 31.04 11.75
CA LYS A 248 -17.49 31.82 11.03
C LYS A 248 -17.86 32.08 9.58
N LEU A 249 -18.47 31.11 8.90
CA LEU A 249 -18.95 31.35 7.54
C LEU A 249 -20.04 32.39 7.51
N MET A 250 -20.75 32.57 8.60
CA MET A 250 -21.78 33.61 8.60
C MET A 250 -21.23 34.99 8.63
N ASN A 251 -19.93 35.20 8.45
CA ASN A 251 -19.36 36.54 8.35
C ASN A 251 -18.71 36.80 7.00
N ALA A 252 -18.65 35.80 6.13
CA ALA A 252 -18.15 35.98 4.77
C ALA A 252 -19.24 35.91 3.72
N TYR A 253 -20.36 35.23 4.01
CA TYR A 253 -21.55 35.25 3.17
C TYR A 253 -22.72 35.66 4.04
N PRO A 254 -22.80 36.93 4.44
CA PRO A 254 -23.89 37.34 5.31
C PRO A 254 -25.24 37.21 4.62
N SER A 255 -26.25 36.84 5.40
CA SER A 255 -27.62 36.67 4.94
C SER A 255 -27.81 35.50 3.99
N TYR A 256 -26.90 34.54 3.99
CA TYR A 256 -27.08 33.30 3.25
C TYR A 256 -27.09 32.07 4.13
N ILE A 257 -26.51 32.13 5.33
CA ILE A 257 -26.50 31.03 6.27
C ILE A 257 -27.51 31.33 7.37
N SER A 258 -28.17 30.30 7.86
CA SER A 258 -29.09 30.51 8.95
C SER A 258 -28.53 29.89 10.22
N PRO A 259 -28.57 30.60 11.33
CA PRO A 259 -27.81 30.14 12.52
C PRO A 259 -28.43 28.97 13.25
N ILE A 260 -29.42 28.30 12.65
CA ILE A 260 -29.98 27.09 13.25
C ILE A 260 -30.06 25.99 12.21
N GLY A 261 -29.52 26.25 11.02
CA GLY A 261 -29.66 25.34 9.90
C GLY A 261 -28.35 24.71 9.49
N CYS A 262 -28.42 23.96 8.39
CA CYS A 262 -27.26 23.27 7.87
C CYS A 262 -26.38 24.24 7.10
N LEU A 263 -25.34 23.73 6.45
CA LEU A 263 -24.44 24.50 5.61
C LEU A 263 -24.71 24.19 4.15
N PRO A 264 -24.92 25.19 3.30
CA PRO A 264 -25.13 24.90 1.88
C PRO A 264 -23.95 24.14 1.30
N ALA A 265 -24.24 23.18 0.43
CA ALA A 265 -23.23 22.21 0.03
C ALA A 265 -22.18 22.77 -0.89
N HIS A 266 -22.31 24.01 -1.35
CA HIS A 266 -21.35 24.59 -2.27
C HIS A 266 -20.39 25.55 -1.59
N LEU A 267 -20.45 25.66 -0.27
CA LEU A 267 -19.58 26.57 0.48
C LEU A 267 -18.54 25.83 1.30
N LEU A 268 -18.20 24.60 0.93
CA LEU A 268 -17.45 23.73 1.83
C LEU A 268 -16.01 23.50 1.44
N GLY A 269 -15.52 24.10 0.36
CA GLY A 269 -14.12 24.09 0.03
C GLY A 269 -13.76 23.35 -1.24
N ASP A 270 -14.50 22.30 -1.58
CA ASP A 270 -14.28 21.64 -2.86
C ASP A 270 -15.62 21.16 -3.39
N MET A 271 -15.58 20.45 -4.52
CA MET A 271 -16.80 20.18 -5.26
C MET A 271 -17.76 19.30 -4.47
N TRP A 272 -17.25 18.49 -3.54
CA TRP A 272 -18.10 17.57 -2.81
C TRP A 272 -18.15 17.82 -1.32
N GLY A 273 -17.21 18.57 -0.77
CA GLY A 273 -17.17 18.72 0.67
C GLY A 273 -16.48 17.57 1.37
N ARG A 274 -15.57 16.90 0.68
CA ARG A 274 -14.89 15.76 1.28
C ARG A 274 -13.93 16.19 2.36
N PHE A 275 -13.16 17.24 2.13
CA PHE A 275 -12.28 17.84 3.12
C PHE A 275 -12.68 19.29 3.33
N TRP A 276 -12.67 19.74 4.57
CA TRP A 276 -12.91 21.14 4.87
C TRP A 276 -11.63 21.94 4.99
N THR A 277 -10.55 21.51 4.36
CA THR A 277 -9.25 22.10 4.62
C THR A 277 -9.02 23.43 3.90
N ASN A 278 -9.89 23.81 2.96
CA ASN A 278 -9.74 25.07 2.27
C ASN A 278 -10.41 26.23 3.00
N LEU A 279 -11.12 25.96 4.08
CA LEU A 279 -11.74 26.98 4.89
C LEU A 279 -10.82 27.53 5.95
N TYR A 280 -9.53 27.24 5.89
CA TYR A 280 -8.65 27.68 6.96
C TYR A 280 -8.43 29.18 6.93
N SER A 281 -8.45 29.81 5.76
CA SER A 281 -8.27 31.25 5.72
C SER A 281 -9.49 31.99 6.23
N LEU A 282 -10.64 31.32 6.35
CA LEU A 282 -11.85 31.95 6.84
C LEU A 282 -12.08 31.70 8.31
N THR A 283 -11.74 30.51 8.80
CA THR A 283 -12.03 30.12 10.17
C THR A 283 -10.75 29.91 10.97
N VAL A 284 -9.78 30.79 10.82
CA VAL A 284 -8.53 30.63 11.56
C VAL A 284 -8.71 31.21 12.95
N PRO A 285 -8.39 30.47 13.99
CA PRO A 285 -8.65 30.95 15.36
C PRO A 285 -7.94 32.25 15.70
N PHE A 286 -6.62 32.26 15.60
CA PHE A 286 -5.82 33.45 15.94
C PHE A 286 -5.03 33.85 14.70
N GLY A 287 -5.53 34.85 13.99
CA GLY A 287 -5.01 35.23 12.70
C GLY A 287 -3.77 36.10 12.70
N GLN A 288 -3.26 36.47 13.86
CA GLN A 288 -2.08 37.30 13.95
C GLN A 288 -0.82 36.51 14.23
N LYS A 289 -0.92 35.20 14.45
CA LYS A 289 0.24 34.40 14.75
C LYS A 289 0.60 33.56 13.53
N PRO A 290 1.76 33.78 12.92
CA PRO A 290 2.12 32.99 11.74
C PRO A 290 2.29 31.52 12.09
N ASN A 291 2.08 30.67 11.10
CA ASN A 291 2.18 29.24 11.32
C ASN A 291 3.62 28.77 11.15
N ILE A 292 3.93 27.62 11.73
CA ILE A 292 5.26 27.03 11.59
C ILE A 292 5.44 26.56 10.16
N ASP A 293 6.37 27.18 9.44
CA ASP A 293 6.58 26.86 8.04
C ASP A 293 8.06 27.10 7.73
N VAL A 294 8.81 26.02 7.58
CA VAL A 294 10.25 26.10 7.30
C VAL A 294 10.41 25.84 5.80
N THR A 295 10.41 26.91 5.03
CA THR A 295 10.89 26.89 3.65
C THR A 295 12.05 27.83 3.43
N ASP A 296 12.11 28.94 4.17
CA ASP A 296 13.22 29.87 4.01
C ASP A 296 14.50 29.32 4.61
N ALA A 297 14.42 28.74 5.81
CA ALA A 297 15.62 28.23 6.46
C ALA A 297 16.16 26.98 5.79
N MET A 298 15.39 26.36 4.89
CA MET A 298 15.93 25.28 4.08
C MET A 298 16.70 25.82 2.88
N VAL A 299 16.22 26.93 2.30
CA VAL A 299 16.93 27.50 1.17
C VAL A 299 18.19 28.23 1.63
N ASP A 300 18.16 28.84 2.81
CA ASP A 300 19.32 29.56 3.31
C ASP A 300 20.47 28.62 3.66
N GLN A 301 20.27 27.31 3.63
CA GLN A 301 21.31 26.35 3.93
C GLN A 301 21.63 25.43 2.76
N ALA A 302 21.09 25.73 1.58
CA ALA A 302 21.34 24.94 0.37
C ALA A 302 20.96 23.49 0.58
N TRP A 303 19.78 23.28 1.15
CA TRP A 303 19.23 21.93 1.26
C TRP A 303 18.78 21.49 -0.12
N ASP A 304 19.45 20.49 -0.67
CA ASP A 304 19.14 20.02 -2.00
C ASP A 304 18.07 18.94 -1.93
N ALA A 305 17.72 18.41 -3.09
CA ALA A 305 16.74 17.34 -3.22
C ALA A 305 17.25 16.04 -2.70
N GLN A 306 18.44 16.00 -2.11
CA GLN A 306 18.99 14.77 -1.58
C GLN A 306 19.32 14.84 -0.10
N ARG A 307 19.46 16.03 0.48
CA ARG A 307 19.58 16.12 1.92
C ARG A 307 18.26 15.79 2.61
N ILE A 308 17.14 16.08 1.95
CA ILE A 308 15.83 15.71 2.47
C ILE A 308 15.76 14.22 2.75
N PHE A 309 16.05 13.42 1.72
CA PHE A 309 15.93 11.98 1.88
C PHE A 309 16.98 11.43 2.83
N LYS A 310 18.14 12.07 2.93
CA LYS A 310 19.13 11.64 3.91
C LYS A 310 18.61 11.85 5.32
N GLU A 311 17.96 12.99 5.58
CA GLU A 311 17.40 13.21 6.91
C GLU A 311 16.26 12.24 7.20
N ALA A 312 15.47 11.92 6.17
CA ALA A 312 14.40 10.95 6.36
C ALA A 312 14.96 9.58 6.74
N GLU A 313 15.97 9.12 6.00
CA GLU A 313 16.60 7.84 6.34
C GLU A 313 17.21 7.87 7.72
N LYS A 314 17.77 9.01 8.11
CA LYS A 314 18.34 9.13 9.46
C LYS A 314 17.26 8.98 10.51
N PHE A 315 16.12 9.63 10.32
CA PHE A 315 15.01 9.49 11.26
C PHE A 315 14.58 8.03 11.36
N PHE A 316 14.49 7.34 10.22
CA PHE A 316 14.01 5.96 10.26
C PHE A 316 15.01 5.03 10.92
N VAL A 317 16.32 5.23 10.68
CA VAL A 317 17.31 4.36 11.31
C VAL A 317 17.52 4.72 12.77
N SER A 318 17.06 5.89 13.22
CA SER A 318 17.20 6.25 14.62
C SER A 318 16.40 5.31 15.52
N VAL A 319 15.17 4.96 15.13
CA VAL A 319 14.34 4.13 16.00
C VAL A 319 14.72 2.67 15.98
N GLY A 320 15.47 2.21 14.98
CA GLY A 320 15.91 0.83 14.95
C GLY A 320 15.63 0.09 13.67
N LEU A 321 15.01 0.76 12.72
CA LEU A 321 14.72 0.13 11.45
C LEU A 321 15.95 0.16 10.55
N PRO A 322 16.00 -0.71 9.54
CA PRO A 322 17.21 -0.78 8.71
C PRO A 322 17.44 0.47 7.89
N ASN A 323 18.58 0.47 7.18
CA ASN A 323 18.96 1.52 6.25
C ASN A 323 18.20 1.34 4.95
N MET A 324 18.62 2.04 3.91
CA MET A 324 18.14 1.78 2.56
C MET A 324 19.13 0.88 1.82
N THR A 325 18.60 0.12 0.87
CA THR A 325 19.29 -1.06 0.32
C THR A 325 20.54 -0.73 -0.48
N GLN A 326 20.86 0.54 -0.72
CA GLN A 326 22.02 0.97 -1.51
C GLN A 326 21.80 0.70 -3.00
N GLY A 327 20.74 -0.03 -3.31
CA GLY A 327 20.29 -0.11 -4.68
C GLY A 327 19.15 0.85 -4.83
N PHE A 328 18.68 1.35 -3.69
CA PHE A 328 17.63 2.35 -3.64
C PHE A 328 18.13 3.73 -4.02
N TRP A 329 19.40 4.03 -3.73
CA TRP A 329 19.94 5.35 -4.00
C TRP A 329 20.26 5.55 -5.47
N GLU A 330 20.71 4.49 -6.15
CA GLU A 330 21.15 4.63 -7.52
C GLU A 330 20.00 4.58 -8.52
N ASN A 331 19.00 3.74 -8.27
CA ASN A 331 17.96 3.52 -9.26
C ASN A 331 16.77 4.47 -9.13
N SER A 332 16.58 5.05 -7.94
CA SER A 332 15.46 5.95 -7.71
C SER A 332 15.51 7.27 -8.49
N MET A 333 14.32 7.78 -8.83
CA MET A 333 14.20 9.04 -9.56
C MET A 333 13.73 10.09 -8.56
N LEU A 334 14.69 10.71 -7.87
CA LEU A 334 14.37 11.64 -6.80
C LEU A 334 14.08 13.05 -7.27
N THR A 335 14.74 13.52 -8.33
CA THR A 335 14.51 14.86 -8.84
C THR A 335 13.85 14.80 -10.22
N ASP A 336 13.32 15.94 -10.64
CA ASP A 336 12.72 16.04 -11.96
C ASP A 336 13.82 15.95 -13.02
N PRO A 337 13.67 15.10 -14.05
CA PRO A 337 14.76 14.90 -15.01
C PRO A 337 14.98 16.07 -15.95
N GLY A 338 15.79 15.85 -16.99
CA GLY A 338 16.24 16.90 -17.86
C GLY A 338 15.24 17.40 -18.87
N ASN A 339 15.71 17.70 -20.09
CA ASN A 339 14.89 18.44 -21.04
C ASN A 339 13.78 17.57 -21.63
N VAL A 340 14.13 16.44 -22.23
CA VAL A 340 13.12 15.51 -22.76
C VAL A 340 13.26 14.19 -21.99
N GLN A 341 12.59 14.12 -20.85
CA GLN A 341 12.44 12.86 -20.14
C GLN A 341 11.05 12.80 -19.51
N LYS A 342 10.06 13.34 -20.21
CA LYS A 342 8.71 13.52 -19.69
C LYS A 342 8.25 12.34 -18.85
N ALA A 343 7.85 12.63 -17.61
CA ALA A 343 7.56 11.61 -16.61
C ALA A 343 6.18 11.86 -16.00
N VAL A 344 5.89 11.13 -14.94
CA VAL A 344 4.65 11.29 -14.18
C VAL A 344 5.03 11.74 -12.78
N CYS A 345 4.79 13.01 -12.47
CA CYS A 345 5.19 13.58 -11.18
C CYS A 345 4.06 13.35 -10.17
N HIS A 346 4.04 12.15 -9.63
CA HIS A 346 3.14 11.80 -8.52
C HIS A 346 3.90 10.89 -7.56
N PRO A 347 4.08 11.30 -6.32
CA PRO A 347 4.99 10.57 -5.41
C PRO A 347 4.44 9.19 -5.07
N THR A 348 5.24 8.17 -5.34
CA THR A 348 4.85 6.80 -5.03
C THR A 348 6.09 6.00 -4.62
N ALA A 349 5.83 4.86 -3.98
CA ALA A 349 6.86 3.90 -3.60
C ALA A 349 6.62 2.59 -4.34
N TRP A 350 7.67 2.07 -4.95
CA TRP A 350 7.60 0.89 -5.79
C TRP A 350 8.32 -0.27 -5.14
N ASP A 351 7.74 -1.46 -5.31
CA ASP A 351 8.14 -2.68 -4.62
C ASP A 351 8.41 -3.76 -5.68
N LEU A 352 9.30 -3.45 -6.61
CA LEU A 352 9.43 -4.23 -7.84
C LEU A 352 9.64 -5.73 -7.58
N GLY A 353 9.98 -6.11 -6.36
CA GLY A 353 10.18 -7.51 -6.07
C GLY A 353 11.62 -7.91 -6.22
N LYS A 354 11.89 -9.17 -5.87
CA LYS A 354 13.24 -9.74 -5.95
C LYS A 354 14.24 -8.91 -5.17
N GLY A 355 13.78 -8.14 -4.19
CA GLY A 355 14.67 -7.33 -3.40
C GLY A 355 14.97 -5.96 -3.98
N ASP A 356 14.04 -5.39 -4.75
CA ASP A 356 14.25 -4.13 -5.45
C ASP A 356 13.15 -3.15 -5.04
N PHE A 357 13.54 -2.13 -4.27
CA PHE A 357 12.61 -1.12 -3.78
C PHE A 357 13.05 0.25 -4.28
N ARG A 358 12.09 1.05 -4.75
CA ARG A 358 12.42 2.34 -5.34
C ARG A 358 11.39 3.38 -4.94
N ILE A 359 11.73 4.65 -5.15
CA ILE A 359 10.86 5.78 -4.86
C ILE A 359 10.79 6.67 -6.09
N LEU A 360 9.60 7.13 -6.44
CA LEU A 360 9.41 8.01 -7.60
C LEU A 360 8.70 9.27 -7.14
N MET A 361 9.42 10.38 -7.12
CA MET A 361 8.80 11.67 -6.79
C MET A 361 9.70 12.78 -7.32
N CYS A 362 9.07 13.90 -7.69
CA CYS A 362 9.77 15.08 -8.20
C CYS A 362 9.79 16.11 -7.09
N THR A 363 10.82 16.06 -6.25
CA THR A 363 10.86 16.85 -5.04
C THR A 363 11.35 18.27 -5.29
N LYS A 364 10.70 19.22 -4.64
CA LYS A 364 11.15 20.60 -4.58
C LYS A 364 11.72 20.86 -3.19
N VAL A 365 12.26 22.05 -3.00
CA VAL A 365 12.82 22.44 -1.71
C VAL A 365 11.71 23.22 -1.00
N THR A 366 10.85 22.50 -0.30
CA THR A 366 9.71 23.08 0.39
C THR A 366 9.59 22.39 1.74
N MET A 367 8.44 22.55 2.40
CA MET A 367 8.14 21.80 3.61
C MET A 367 7.16 20.66 3.40
N ASP A 368 6.26 20.77 2.42
CA ASP A 368 5.33 19.66 2.17
C ASP A 368 6.07 18.46 1.58
N ASP A 369 7.06 18.71 0.73
CA ASP A 369 7.86 17.60 0.23
C ASP A 369 8.72 16.99 1.33
N PHE A 370 9.13 17.81 2.31
CA PHE A 370 9.86 17.29 3.46
C PHE A 370 9.04 16.32 4.29
N LEU A 371 7.71 16.37 4.20
CA LEU A 371 6.85 15.40 4.87
C LEU A 371 6.46 14.25 3.97
N THR A 372 6.18 14.53 2.69
CA THR A 372 5.90 13.43 1.77
C THR A 372 7.09 12.49 1.66
N ALA A 373 8.30 13.00 1.85
CA ALA A 373 9.47 12.13 1.91
C ALA A 373 9.33 11.10 3.01
N HIS A 374 8.98 11.54 4.22
CA HIS A 374 8.84 10.61 5.33
C HIS A 374 7.68 9.64 5.11
N HIS A 375 6.58 10.14 4.54
CA HIS A 375 5.46 9.28 4.21
C HIS A 375 5.89 8.14 3.28
N GLU A 376 6.50 8.49 2.15
CA GLU A 376 6.87 7.47 1.17
C GLU A 376 7.93 6.53 1.71
N MET A 377 8.88 7.04 2.49
CA MET A 377 9.87 6.13 3.04
C MET A 377 9.24 5.21 4.08
N GLY A 378 8.17 5.63 4.74
CA GLY A 378 7.44 4.71 5.60
C GLY A 378 6.79 3.60 4.80
N HIS A 379 6.19 3.94 3.66
CA HIS A 379 5.68 2.89 2.77
C HIS A 379 6.79 1.91 2.39
N ILE A 380 7.97 2.43 2.05
CA ILE A 380 9.07 1.57 1.62
C ILE A 380 9.54 0.69 2.78
N GLN A 381 9.54 1.22 4.00
CA GLN A 381 9.96 0.41 5.15
C GLN A 381 8.98 -0.72 5.41
N TYR A 382 7.68 -0.44 5.32
CA TYR A 382 6.71 -1.52 5.40
C TYR A 382 6.97 -2.56 4.32
N ASP A 383 7.23 -2.12 3.10
CA ASP A 383 7.47 -3.06 2.00
C ASP A 383 8.72 -3.90 2.26
N MET A 384 9.73 -3.32 2.87
CA MET A 384 10.96 -4.05 3.14
C MET A 384 10.78 -5.06 4.28
N ALA A 385 9.92 -4.75 5.24
CA ALA A 385 9.86 -5.57 6.45
C ALA A 385 9.36 -6.98 6.15
N TYR A 386 8.34 -7.13 5.32
CA TYR A 386 7.71 -8.43 5.11
C TYR A 386 8.12 -9.10 3.82
N ALA A 387 9.27 -8.73 3.25
CA ALA A 387 9.64 -9.29 1.96
C ALA A 387 10.05 -10.75 2.04
N ALA A 388 10.01 -11.37 3.21
CA ALA A 388 10.38 -12.77 3.35
C ALA A 388 9.18 -13.70 3.23
N GLN A 389 7.97 -13.19 3.39
CA GLN A 389 6.77 -14.02 3.30
C GLN A 389 6.62 -14.58 1.89
N PRO A 390 5.78 -15.60 1.70
CA PRO A 390 5.48 -16.07 0.35
C PRO A 390 4.91 -14.95 -0.50
N PHE A 391 4.80 -15.21 -1.79
CA PHE A 391 4.40 -14.16 -2.72
C PHE A 391 3.03 -13.60 -2.38
N LEU A 392 2.03 -14.47 -2.28
CA LEU A 392 0.65 -14.02 -2.12
C LEU A 392 0.39 -13.34 -0.78
N LEU A 393 1.30 -13.45 0.18
CA LEU A 393 1.08 -12.90 1.52
C LEU A 393 1.91 -11.65 1.75
N ARG A 394 2.08 -10.83 0.73
CA ARG A 394 2.83 -9.59 0.83
C ARG A 394 1.85 -8.43 0.64
N ASN A 395 1.38 -7.89 1.76
CA ASN A 395 0.44 -6.79 1.80
C ASN A 395 0.19 -6.44 3.25
N GLY A 396 -0.39 -5.27 3.48
CA GLY A 396 -0.86 -4.94 4.81
C GLY A 396 -1.90 -5.93 5.28
N ALA A 397 -2.15 -5.94 6.59
CA ALA A 397 -3.08 -6.91 7.14
C ALA A 397 -4.48 -6.75 6.55
N ASN A 398 -4.87 -5.52 6.21
CA ASN A 398 -6.11 -5.28 5.49
C ASN A 398 -5.94 -4.01 4.66
N GLU A 399 -7.06 -3.43 4.22
CA GLU A 399 -7.01 -2.25 3.36
C GLU A 399 -6.46 -1.01 4.05
N GLY A 400 -6.57 -0.91 5.36
CA GLY A 400 -6.26 0.33 6.03
C GLY A 400 -4.96 0.38 6.80
N PHE A 401 -4.13 -0.65 6.69
CA PHE A 401 -2.90 -0.67 7.48
C PHE A 401 -1.77 0.09 6.81
N HIS A 402 -1.63 -0.04 5.49
CA HIS A 402 -0.48 0.51 4.80
C HIS A 402 -0.45 2.04 4.93
N GLU A 403 -1.59 2.68 4.64
CA GLU A 403 -1.63 4.13 4.71
C GLU A 403 -1.55 4.62 6.15
N ALA A 404 -2.03 3.85 7.11
CA ALA A 404 -1.88 4.25 8.51
C ALA A 404 -0.42 4.29 8.91
N VAL A 405 0.32 3.23 8.56
CA VAL A 405 1.75 3.18 8.87
C VAL A 405 2.47 4.30 8.15
N GLY A 406 2.09 4.58 6.91
CA GLY A 406 2.71 5.69 6.21
C GLY A 406 2.41 7.03 6.84
N GLU A 407 1.21 7.18 7.42
CA GLU A 407 0.79 8.49 7.90
C GLU A 407 1.34 8.83 9.27
N ILE A 408 1.57 7.84 10.13
CA ILE A 408 2.04 8.20 11.47
C ILE A 408 3.43 8.83 11.41
N MET A 409 4.25 8.46 10.41
CA MET A 409 5.58 9.04 10.30
C MET A 409 5.50 10.52 9.95
N SER A 410 4.67 10.86 8.97
CA SER A 410 4.47 12.28 8.65
C SER A 410 3.84 13.02 9.81
N LEU A 411 2.99 12.35 10.59
CA LEU A 411 2.42 12.98 11.77
C LEU A 411 3.51 13.35 12.77
N SER A 412 4.47 12.45 12.97
CA SER A 412 5.47 12.67 14.01
C SER A 412 6.64 13.52 13.56
N ALA A 413 6.89 13.64 12.27
CA ALA A 413 8.05 14.37 11.78
C ALA A 413 7.77 15.84 11.52
N ALA A 414 6.63 16.36 11.94
CA ALA A 414 6.25 17.75 11.69
C ALA A 414 5.97 18.50 12.99
N THR A 415 6.76 18.26 14.01
CA THR A 415 6.56 18.92 15.28
C THR A 415 7.75 19.80 15.63
N PRO A 416 7.52 20.92 16.31
CA PRO A 416 8.66 21.78 16.67
C PRO A 416 9.73 21.06 17.47
N LYS A 417 9.36 20.07 18.29
CA LYS A 417 10.38 19.34 19.04
C LYS A 417 11.29 18.51 18.14
N HIS A 418 10.90 18.27 16.90
CA HIS A 418 11.75 17.57 15.94
C HIS A 418 12.42 18.52 14.96
N LEU A 419 11.70 19.53 14.49
CA LEU A 419 12.31 20.50 13.59
C LEU A 419 13.43 21.25 14.29
N LYS A 420 13.23 21.65 15.54
CA LYS A 420 14.29 22.43 16.19
C LYS A 420 15.46 21.56 16.62
N SER A 421 15.38 20.24 16.43
CA SER A 421 16.54 19.39 16.64
C SER A 421 17.20 18.93 15.34
N ILE A 422 16.46 18.92 14.23
CA ILE A 422 17.09 18.67 12.94
C ILE A 422 18.06 19.79 12.61
N GLY A 423 17.62 21.04 12.78
CA GLY A 423 18.47 22.19 12.51
C GLY A 423 17.80 23.27 11.69
N LEU A 424 16.49 23.13 11.47
CA LEU A 424 15.76 24.08 10.65
C LEU A 424 15.22 25.28 11.43
N LEU A 425 15.06 25.17 12.74
CA LEU A 425 14.52 26.23 13.55
C LEU A 425 15.55 26.64 14.60
N SER A 426 15.48 27.88 15.04
CA SER A 426 16.41 28.35 16.05
C SER A 426 16.21 27.54 17.33
N PRO A 427 17.28 27.27 18.10
CA PRO A 427 17.09 26.53 19.37
C PRO A 427 16.21 27.28 20.36
N ASP A 428 16.20 28.61 20.31
CA ASP A 428 15.27 29.44 21.05
C ASP A 428 13.94 29.47 20.31
N PHE A 429 13.11 30.49 20.55
CA PHE A 429 11.77 30.54 19.97
C PHE A 429 10.90 29.42 20.52
N GLN A 430 10.51 29.54 21.79
CA GLN A 430 9.48 28.70 22.39
C GLN A 430 8.13 29.04 21.80
N GLU A 431 7.23 28.07 21.79
CA GLU A 431 5.93 28.21 21.16
C GLU A 431 4.87 28.52 22.22
N ASP A 432 3.86 29.30 21.85
CA ASP A 432 2.80 29.65 22.77
C ASP A 432 1.67 28.63 22.66
N ASN A 433 0.52 28.94 23.26
CA ASN A 433 -0.60 28.01 23.14
C ASN A 433 -1.50 28.37 21.96
N GLU A 434 -1.53 29.63 21.56
CA GLU A 434 -2.34 30.02 20.40
C GLU A 434 -1.85 29.33 19.14
N THR A 435 -0.54 29.17 18.99
CA THR A 435 -0.02 28.51 17.81
C THR A 435 -0.45 27.05 17.76
N GLU A 436 -0.52 26.39 18.91
CA GLU A 436 -0.93 25.00 18.90
C GLU A 436 -2.43 24.85 18.72
N ILE A 437 -3.23 25.82 19.16
CA ILE A 437 -4.64 25.77 18.80
C ILE A 437 -4.80 25.94 17.30
N ASN A 438 -4.04 26.85 16.68
CA ASN A 438 -4.07 26.97 15.23
C ASN A 438 -3.75 25.64 14.57
N PHE A 439 -2.67 25.00 15.02
CA PHE A 439 -2.26 23.73 14.42
C PHE A 439 -3.34 22.67 14.57
N LEU A 440 -3.94 22.57 15.76
CA LEU A 440 -4.94 21.54 15.99
C LEU A 440 -6.20 21.80 15.18
N LEU A 441 -6.59 23.05 15.01
CA LEU A 441 -7.77 23.32 14.20
C LEU A 441 -7.53 23.00 12.74
N LYS A 442 -6.35 23.33 12.22
CA LYS A 442 -6.07 22.95 10.84
C LYS A 442 -6.01 21.44 10.69
N GLN A 443 -5.62 20.71 11.74
CA GLN A 443 -5.64 19.26 11.65
C GLN A 443 -7.06 18.74 11.65
N ALA A 444 -7.92 19.31 12.49
CA ALA A 444 -9.29 18.82 12.58
C ALA A 444 -10.09 19.15 11.33
N LEU A 445 -9.76 20.23 10.65
CA LEU A 445 -10.52 20.60 9.46
C LEU A 445 -10.37 19.56 8.35
N THR A 446 -9.38 18.69 8.43
CA THR A 446 -9.18 17.67 7.42
C THR A 446 -9.18 16.25 7.95
N ILE A 447 -9.09 16.06 9.26
CA ILE A 447 -9.17 14.73 9.86
C ILE A 447 -10.58 14.41 10.34
N VAL A 448 -11.20 15.33 11.07
CA VAL A 448 -12.54 15.08 11.59
C VAL A 448 -13.62 15.47 10.61
N GLY A 449 -13.41 16.55 9.85
CA GLY A 449 -14.42 16.99 8.91
C GLY A 449 -14.65 16.06 7.74
N THR A 450 -13.97 14.92 7.70
CA THR A 450 -14.16 13.96 6.62
C THR A 450 -14.66 12.61 7.08
N LEU A 451 -14.94 12.42 8.36
CA LEU A 451 -15.45 11.14 8.82
C LEU A 451 -16.94 11.01 8.56
N PRO A 452 -17.78 12.00 8.89
CA PRO A 452 -19.19 11.90 8.51
C PRO A 452 -19.41 11.67 7.03
N PHE A 453 -18.67 12.38 6.17
CA PHE A 453 -18.84 12.20 4.74
C PHE A 453 -18.57 10.76 4.33
N THR A 454 -17.44 10.21 4.76
CA THR A 454 -17.05 8.86 4.38
C THR A 454 -18.06 7.84 4.88
N TYR A 455 -18.42 7.93 6.16
CA TYR A 455 -19.38 6.99 6.72
C TYR A 455 -20.71 7.06 6.00
N MET A 456 -21.19 8.26 5.71
CA MET A 456 -22.50 8.38 5.09
C MET A 456 -22.50 7.88 3.65
N LEU A 457 -21.45 8.18 2.89
CA LEU A 457 -21.40 7.68 1.52
C LEU A 457 -21.34 6.15 1.48
N GLU A 458 -20.53 5.55 2.36
CA GLU A 458 -20.45 4.11 2.33
C GLU A 458 -21.75 3.46 2.83
N LYS A 459 -22.43 4.08 3.79
CA LYS A 459 -23.73 3.57 4.20
C LYS A 459 -24.72 3.62 3.06
N TRP A 460 -24.73 4.72 2.30
CA TRP A 460 -25.63 4.81 1.16
C TRP A 460 -25.35 3.70 0.15
N ARG A 461 -24.08 3.47 -0.16
CA ARG A 461 -23.78 2.45 -1.16
C ARG A 461 -24.15 1.05 -0.67
N TRP A 462 -23.90 0.75 0.61
CA TRP A 462 -24.29 -0.55 1.13
C TRP A 462 -25.80 -0.74 1.04
N MET A 463 -26.57 0.29 1.41
CA MET A 463 -28.02 0.16 1.36
C MET A 463 -28.54 0.08 -0.07
N VAL A 464 -27.83 0.68 -1.03
CA VAL A 464 -28.25 0.58 -2.42
C VAL A 464 -28.02 -0.83 -2.94
N PHE A 465 -26.84 -1.40 -2.67
CA PHE A 465 -26.54 -2.74 -3.17
C PHE A 465 -27.41 -3.79 -2.50
N LYS A 466 -27.65 -3.64 -1.21
CA LYS A 466 -28.43 -4.64 -0.47
C LYS A 466 -29.83 -4.79 -1.04
N GLY A 467 -30.46 -3.70 -1.43
CA GLY A 467 -31.81 -3.71 -1.93
C GLY A 467 -32.82 -2.97 -1.08
N GLU A 468 -32.37 -2.22 -0.07
CA GLU A 468 -33.27 -1.50 0.81
C GLU A 468 -33.66 -0.13 0.31
N ILE A 469 -33.13 0.30 -0.83
CA ILE A 469 -33.47 1.58 -1.44
C ILE A 469 -33.85 1.32 -2.88
N PRO A 470 -35.13 1.26 -3.20
CA PRO A 470 -35.55 1.01 -4.58
C PRO A 470 -35.05 2.09 -5.51
N LYS A 471 -34.90 1.74 -6.79
CA LYS A 471 -34.21 2.65 -7.70
C LYS A 471 -35.02 3.87 -8.07
N ASP A 472 -36.19 4.08 -7.47
CA ASP A 472 -36.93 5.33 -7.64
C ASP A 472 -36.85 6.20 -6.39
N GLN A 473 -35.90 5.92 -5.50
CA GLN A 473 -35.75 6.69 -4.27
C GLN A 473 -34.28 6.93 -3.94
N TRP A 474 -33.42 7.04 -4.95
CA TRP A 474 -32.00 7.19 -4.67
C TRP A 474 -31.66 8.59 -4.19
N MET A 475 -32.04 9.61 -4.95
CA MET A 475 -31.68 10.98 -4.56
C MET A 475 -32.44 11.43 -3.33
N LYS A 476 -33.67 10.98 -3.15
CA LYS A 476 -34.43 11.32 -1.95
C LYS A 476 -33.68 10.86 -0.70
N LYS A 477 -33.32 9.59 -0.66
CA LYS A 477 -32.59 9.06 0.49
C LYS A 477 -31.22 9.69 0.62
N TRP A 478 -30.55 9.95 -0.50
CA TRP A 478 -29.22 10.53 -0.42
C TRP A 478 -29.25 11.89 0.26
N TRP A 479 -30.18 12.75 -0.13
CA TRP A 479 -30.19 14.06 0.49
C TRP A 479 -30.80 14.04 1.88
N GLU A 480 -31.71 13.11 2.17
CA GLU A 480 -32.16 12.95 3.55
C GLU A 480 -30.99 12.58 4.47
N MET A 481 -30.19 11.60 4.06
CA MET A 481 -29.06 11.19 4.89
C MET A 481 -28.01 12.30 4.96
N LYS A 482 -27.84 13.07 3.89
CA LYS A 482 -26.89 14.18 3.95
C LYS A 482 -27.34 15.22 4.96
N ARG A 483 -28.64 15.50 5.02
CA ARG A 483 -29.12 16.47 6.01
C ARG A 483 -29.07 15.90 7.41
N GLU A 484 -29.21 14.59 7.57
CA GLU A 484 -29.34 14.00 8.89
C GLU A 484 -28.02 13.62 9.54
N ILE A 485 -27.02 13.20 8.77
CA ILE A 485 -25.76 12.73 9.29
C ILE A 485 -24.67 13.79 9.19
N VAL A 486 -24.47 14.33 7.99
CA VAL A 486 -23.37 15.27 7.77
C VAL A 486 -23.73 16.69 8.16
N GLY A 487 -24.99 17.06 8.07
CA GLY A 487 -25.40 18.43 8.36
C GLY A 487 -25.20 19.38 7.22
N VAL A 488 -25.56 18.98 6.01
CA VAL A 488 -25.27 19.74 4.79
C VAL A 488 -26.48 19.65 3.88
N VAL A 489 -27.11 20.79 3.60
CA VAL A 489 -28.33 20.85 2.81
C VAL A 489 -27.98 21.30 1.40
N GLU A 490 -28.70 20.75 0.43
CA GLU A 490 -28.48 21.11 -0.96
C GLU A 490 -29.07 22.47 -1.27
N PRO A 491 -28.50 23.20 -2.23
CA PRO A 491 -29.03 24.52 -2.57
C PRO A 491 -30.02 24.57 -3.72
N VAL A 492 -30.35 23.44 -4.34
CA VAL A 492 -31.30 23.37 -5.45
C VAL A 492 -31.89 21.96 -5.45
N PRO A 493 -33.21 21.80 -5.53
CA PRO A 493 -33.80 20.46 -5.44
C PRO A 493 -33.35 19.56 -6.56
N HIS A 494 -33.06 18.30 -6.22
CA HIS A 494 -32.55 17.32 -7.17
C HIS A 494 -33.53 16.16 -7.24
N ASP A 495 -34.21 16.03 -8.38
CA ASP A 495 -35.18 14.95 -8.59
C ASP A 495 -34.47 13.66 -8.95
N GLU A 496 -35.20 12.67 -9.43
CA GLU A 496 -34.66 11.34 -9.66
C GLU A 496 -33.91 11.19 -10.97
N THR A 497 -33.75 12.25 -11.74
CA THR A 497 -32.96 12.16 -12.97
C THR A 497 -31.49 12.46 -12.74
N TYR A 498 -31.13 12.98 -11.58
CA TYR A 498 -29.74 13.23 -11.22
C TYR A 498 -29.10 11.97 -10.67
N CYS A 499 -27.79 12.00 -10.53
CA CYS A 499 -27.09 10.98 -9.75
C CYS A 499 -25.86 11.66 -9.14
N ASP A 500 -26.01 12.15 -7.94
CA ASP A 500 -24.98 12.96 -7.29
C ASP A 500 -23.78 12.15 -6.83
N PRO A 501 -23.95 10.96 -6.24
CA PRO A 501 -22.77 10.22 -5.80
C PRO A 501 -21.79 9.87 -6.91
N ALA A 502 -22.30 9.54 -8.10
CA ALA A 502 -21.42 9.12 -9.19
C ALA A 502 -20.57 10.24 -9.73
N SER A 503 -20.74 11.48 -9.26
CA SER A 503 -19.87 12.57 -9.64
C SER A 503 -18.65 12.66 -8.74
N LEU A 504 -18.27 11.57 -8.09
CA LEU A 504 -17.08 11.48 -7.27
C LEU A 504 -16.20 10.38 -7.85
N PHE A 505 -14.88 10.52 -7.70
CA PHE A 505 -13.96 9.62 -8.38
C PHE A 505 -14.18 8.18 -7.95
N HIS A 506 -14.32 7.94 -6.65
CA HIS A 506 -14.39 6.58 -6.16
C HIS A 506 -15.71 5.89 -6.48
N VAL A 507 -16.77 6.65 -6.73
CA VAL A 507 -18.05 6.02 -6.99
C VAL A 507 -18.16 5.58 -8.45
N SER A 508 -17.71 6.42 -9.37
CA SER A 508 -17.84 6.11 -10.78
C SER A 508 -16.66 5.31 -11.32
N ASN A 509 -15.67 5.01 -10.50
CA ASN A 509 -14.54 4.18 -10.92
C ASN A 509 -14.46 2.87 -10.14
N ASP A 510 -15.48 2.55 -9.35
CA ASP A 510 -15.58 1.26 -8.67
C ASP A 510 -14.40 1.03 -7.72
N TYR A 511 -14.29 1.90 -6.74
CA TYR A 511 -13.31 1.76 -5.67
C TYR A 511 -14.01 1.72 -4.33
N SER A 512 -13.57 0.84 -3.45
CA SER A 512 -14.12 0.82 -2.11
C SER A 512 -13.73 2.10 -1.37
N PHE A 513 -14.55 2.47 -0.40
CA PHE A 513 -14.39 3.76 0.26
C PHE A 513 -14.32 3.66 1.77
N ILE A 514 -14.51 2.49 2.36
CA ILE A 514 -14.51 2.38 3.82
C ILE A 514 -13.10 2.41 4.38
N ARG A 515 -12.07 2.21 3.56
CA ARG A 515 -10.71 2.19 4.09
C ARG A 515 -10.31 3.54 4.65
N TYR A 516 -10.82 4.63 4.06
CA TYR A 516 -10.48 5.95 4.55
C TYR A 516 -11.11 6.26 5.89
N TYR A 517 -11.98 5.40 6.40
CA TYR A 517 -12.57 5.56 7.72
C TYR A 517 -11.87 4.74 8.79
N THR A 518 -11.50 3.50 8.47
CA THR A 518 -10.78 2.69 9.44
C THR A 518 -9.33 3.13 9.54
N ARG A 519 -8.76 3.66 8.45
CA ARG A 519 -7.40 4.16 8.51
C ARG A 519 -7.26 5.29 9.51
N THR A 520 -8.23 6.21 9.53
CA THR A 520 -8.16 7.35 10.43
C THR A 520 -8.21 6.94 11.89
N LEU A 521 -8.71 5.75 12.20
CA LEU A 521 -8.73 5.28 13.57
C LEU A 521 -7.47 4.48 13.91
N TYR A 522 -7.08 3.58 12.99
CA TYR A 522 -5.84 2.83 13.20
C TYR A 522 -4.65 3.76 13.38
N GLN A 523 -4.63 4.87 12.65
CA GLN A 523 -3.48 5.75 12.69
C GLN A 523 -3.28 6.35 14.08
N PHE A 524 -4.35 6.81 14.71
CA PHE A 524 -4.19 7.39 16.04
C PHE A 524 -4.00 6.32 17.10
N GLN A 525 -4.55 5.12 16.91
CA GLN A 525 -4.25 4.03 17.83
C GLN A 525 -2.77 3.69 17.80
N PHE A 526 -2.21 3.55 16.60
CA PHE A 526 -0.78 3.32 16.46
C PHE A 526 0.02 4.42 17.12
N GLN A 527 -0.34 5.68 16.85
CA GLN A 527 0.46 6.78 17.38
C GLN A 527 0.42 6.80 18.90
N GLU A 528 -0.73 6.51 19.50
CA GLU A 528 -0.78 6.50 20.96
C GLU A 528 0.00 5.34 21.55
N ALA A 529 -0.14 4.15 20.97
CA ALA A 529 0.60 3.01 21.50
C ALA A 529 2.10 3.16 21.32
N LEU A 530 2.55 3.90 20.30
CA LEU A 530 3.98 4.12 20.12
C LEU A 530 4.50 5.24 21.00
N CYS A 531 3.73 6.32 21.17
CA CYS A 531 4.18 7.38 22.05
C CYS A 531 4.17 6.96 23.51
N GLN A 532 3.35 5.97 23.87
CA GLN A 532 3.33 5.53 25.26
C GLN A 532 4.55 4.69 25.60
N ALA A 533 5.14 4.01 24.62
CA ALA A 533 6.34 3.23 24.88
C ALA A 533 7.59 4.08 24.87
N ALA A 534 7.57 5.21 24.17
CA ALA A 534 8.69 6.14 24.17
C ALA A 534 8.71 7.05 25.39
N LYS A 535 7.84 6.78 26.37
CA LYS A 535 7.79 7.53 27.62
C LYS A 535 7.63 9.03 27.36
N HIS A 536 6.47 9.35 26.79
CA HIS A 536 6.07 10.73 26.55
C HIS A 536 5.30 11.26 27.75
N GLU A 537 5.30 12.58 27.91
CA GLU A 537 4.67 13.17 29.08
C GLU A 537 3.61 14.21 28.74
N GLY A 538 3.84 15.01 27.71
CA GLY A 538 2.93 16.09 27.38
C GLY A 538 1.67 15.60 26.67
N PRO A 539 0.92 16.52 26.09
CA PRO A 539 -0.24 16.12 25.29
C PRO A 539 0.19 15.29 24.10
N LEU A 540 -0.78 14.65 23.46
CA LEU A 540 -0.47 13.69 22.42
C LEU A 540 -0.02 14.35 21.13
N HIS A 541 -0.47 15.56 20.83
CA HIS A 541 -0.13 16.20 19.57
C HIS A 541 1.27 16.79 19.56
N LYS A 542 2.07 16.54 20.59
CA LYS A 542 3.45 17.03 20.65
C LYS A 542 4.47 15.91 20.68
N CYS A 543 4.06 14.66 20.54
CA CYS A 543 4.97 13.54 20.72
C CYS A 543 5.74 13.25 19.45
N ASP A 544 7.00 12.85 19.61
CA ASP A 544 7.86 12.45 18.50
C ASP A 544 8.54 11.15 18.87
N ILE A 545 8.37 10.13 18.03
CA ILE A 545 8.88 8.79 18.37
C ILE A 545 10.35 8.63 18.06
N SER A 546 11.01 9.66 17.52
CA SER A 546 12.40 9.51 17.15
C SER A 546 13.27 9.27 18.39
N ASN A 547 14.41 8.61 18.17
CA ASN A 547 15.43 8.37 19.17
C ASN A 547 15.01 7.37 20.24
N SER A 548 14.03 6.51 19.96
CA SER A 548 13.58 5.52 20.92
C SER A 548 13.51 4.17 20.24
N THR A 549 14.10 3.15 20.86
CA THR A 549 14.19 1.84 20.25
C THR A 549 13.00 0.95 20.54
N GLU A 550 12.36 1.11 21.70
CA GLU A 550 11.19 0.30 22.02
C GLU A 550 10.06 0.54 21.02
N ALA A 551 9.85 1.80 20.63
CA ALA A 551 8.83 2.08 19.64
C ALA A 551 9.14 1.41 18.30
N GLY A 552 10.40 1.48 17.88
CA GLY A 552 10.79 0.81 16.65
C GLY A 552 10.55 -0.68 16.69
N GLN A 553 10.89 -1.31 17.81
CA GLN A 553 10.68 -2.75 17.94
C GLN A 553 9.19 -3.09 17.95
N LYS A 554 8.38 -2.32 18.68
CA LYS A 554 6.95 -2.57 18.72
C LYS A 554 6.31 -2.40 17.35
N LEU A 555 6.84 -1.51 16.52
CA LEU A 555 6.28 -1.36 15.19
C LEU A 555 6.76 -2.46 14.26
N PHE A 556 8.03 -2.86 14.36
CA PHE A 556 8.55 -3.91 13.51
C PHE A 556 7.90 -5.25 13.78
N ASN A 557 7.57 -5.54 15.03
CA ASN A 557 6.94 -6.81 15.36
C ASN A 557 5.56 -6.97 14.75
N MET A 558 5.00 -5.92 14.16
CA MET A 558 3.81 -6.03 13.35
C MET A 558 4.07 -5.81 11.88
N LEU A 559 5.06 -4.99 11.53
CA LEU A 559 5.41 -4.81 10.13
C LEU A 559 5.81 -6.13 9.48
N ARG A 560 6.58 -6.95 10.21
CA ARG A 560 7.18 -8.14 9.61
C ARG A 560 6.19 -9.27 9.39
N LEU A 561 4.90 -9.06 9.57
CA LEU A 561 3.92 -10.14 9.46
C LEU A 561 3.26 -10.23 8.10
N GLY A 562 2.84 -9.11 7.53
CA GLY A 562 2.14 -9.17 6.27
C GLY A 562 0.72 -9.64 6.46
N LYS A 563 0.25 -10.49 5.56
CA LYS A 563 -1.09 -11.05 5.63
C LYS A 563 -1.12 -12.44 6.22
N SER A 564 -0.02 -12.91 6.79
CA SER A 564 0.03 -14.28 7.27
C SER A 564 -0.80 -14.50 8.53
N GLU A 565 -1.12 -13.44 9.26
CA GLU A 565 -1.92 -13.55 10.47
C GLU A 565 -3.18 -12.71 10.33
N PRO A 566 -4.27 -13.11 10.98
CA PRO A 566 -5.48 -12.29 10.94
C PRO A 566 -5.22 -10.90 11.49
N TRP A 567 -5.86 -9.91 10.86
CA TRP A 567 -5.57 -8.52 11.22
C TRP A 567 -5.93 -8.23 12.68
N THR A 568 -6.87 -8.97 13.26
CA THR A 568 -7.21 -8.75 14.65
C THR A 568 -6.12 -9.20 15.58
N LEU A 569 -5.11 -9.91 15.07
CA LEU A 569 -3.95 -10.26 15.88
C LEU A 569 -2.79 -9.30 15.66
N ALA A 570 -2.61 -8.87 14.41
CA ALA A 570 -1.60 -7.86 14.13
C ALA A 570 -1.91 -6.56 14.86
N LEU A 571 -3.19 -6.22 14.99
CA LEU A 571 -3.53 -5.01 15.72
C LEU A 571 -3.26 -5.15 17.21
N GLU A 572 -3.39 -6.37 17.76
CA GLU A 572 -3.13 -6.56 19.18
C GLU A 572 -1.63 -6.63 19.46
N ASN A 573 -0.84 -7.05 18.49
CA ASN A 573 0.61 -7.10 18.70
C ASN A 573 1.18 -5.72 19.05
N VAL A 574 0.57 -4.65 18.56
CA VAL A 574 1.08 -3.31 18.78
C VAL A 574 0.33 -2.58 19.88
N VAL A 575 -1.00 -2.56 19.80
CA VAL A 575 -1.80 -1.69 20.66
C VAL A 575 -2.16 -2.37 21.96
N GLY A 576 -2.92 -3.45 21.90
CA GLY A 576 -3.36 -4.13 23.09
C GLY A 576 -4.83 -4.49 23.07
N ALA A 577 -5.52 -4.12 22.00
CA ALA A 577 -6.93 -4.44 21.81
C ALA A 577 -7.10 -5.24 20.52
N LYS A 578 -8.32 -5.72 20.30
CA LYS A 578 -8.59 -6.56 19.14
C LYS A 578 -9.35 -5.85 18.04
N ASN A 579 -10.15 -4.84 18.36
CA ASN A 579 -10.92 -4.12 17.37
C ASN A 579 -10.57 -2.65 17.43
N MET A 580 -11.07 -1.88 16.47
CA MET A 580 -10.69 -0.48 16.39
C MET A 580 -11.42 0.33 17.45
N ASN A 581 -10.67 1.21 18.11
CA ASN A 581 -11.17 2.07 19.17
C ASN A 581 -11.26 3.49 18.66
N VAL A 582 -11.79 4.38 19.49
CA VAL A 582 -11.92 5.77 19.08
C VAL A 582 -11.39 6.69 20.17
N ARG A 583 -11.08 6.14 21.34
CA ARG A 583 -10.58 6.97 22.42
C ARG A 583 -9.25 7.66 22.10
N PRO A 584 -8.30 7.04 21.39
CA PRO A 584 -7.08 7.78 21.03
C PRO A 584 -7.33 9.03 20.21
N LEU A 585 -8.31 9.03 19.31
CA LEU A 585 -8.55 10.21 18.49
C LEU A 585 -9.05 11.38 19.33
N LEU A 586 -10.04 11.13 20.18
CA LEU A 586 -10.52 12.19 21.06
C LEU A 586 -9.44 12.61 22.03
N ASN A 587 -8.57 11.69 22.45
CA ASN A 587 -7.45 12.07 23.29
C ASN A 587 -6.48 12.98 22.55
N TYR A 588 -6.33 12.77 21.25
CA TYR A 588 -5.53 13.65 20.43
C TYR A 588 -6.13 15.05 20.39
N PHE A 589 -7.44 15.14 20.20
CA PHE A 589 -8.09 16.43 19.97
C PHE A 589 -8.61 17.10 21.23
N GLU A 590 -8.35 16.54 22.41
CA GLU A 590 -8.87 17.12 23.66
C GLU A 590 -8.70 18.63 23.82
N PRO A 591 -7.52 19.23 23.62
CA PRO A 591 -7.41 20.68 23.86
C PRO A 591 -8.30 21.50 22.94
N LEU A 592 -8.34 21.16 21.65
CA LEU A 592 -9.26 21.83 20.75
C LEU A 592 -10.70 21.64 21.20
N PHE A 593 -11.03 20.46 21.72
CA PHE A 593 -12.39 20.22 22.18
C PHE A 593 -12.75 21.15 23.32
N THR A 594 -11.86 21.30 24.29
CA THR A 594 -12.18 22.21 25.39
C THR A 594 -12.31 23.64 24.92
N TRP A 595 -11.43 24.08 24.03
CA TRP A 595 -11.54 25.45 23.55
C TRP A 595 -12.84 25.67 22.76
N LEU A 596 -13.23 24.71 21.93
CA LEU A 596 -14.48 24.85 21.20
C LEU A 596 -15.66 24.85 22.14
N LYS A 597 -15.66 23.97 23.13
CA LYS A 597 -16.74 23.92 24.11
C LYS A 597 -16.84 25.21 24.91
N ASP A 598 -15.77 25.99 24.97
CA ASP A 598 -15.85 27.30 25.61
C ASP A 598 -16.00 28.44 24.62
N GLN A 599 -15.99 28.18 23.32
CA GLN A 599 -16.20 29.25 22.34
C GLN A 599 -17.61 29.24 21.74
N ASN A 600 -18.46 28.30 22.10
CA ASN A 600 -19.82 28.22 21.60
C ASN A 600 -20.85 28.37 22.73
N LYS A 601 -20.63 29.31 23.63
CA LYS A 601 -21.59 29.50 24.70
C LYS A 601 -22.88 30.14 24.17
N ASN A 602 -22.76 31.02 23.18
CA ASN A 602 -23.92 31.76 22.71
C ASN A 602 -24.58 31.13 21.51
N SER A 603 -23.83 30.43 20.67
CA SER A 603 -24.41 29.82 19.48
C SER A 603 -25.31 28.65 19.85
N PHE A 604 -25.85 28.00 18.84
CA PHE A 604 -26.76 26.88 19.00
C PHE A 604 -26.06 25.64 18.46
N VAL A 605 -25.59 24.78 19.36
CA VAL A 605 -24.82 23.60 18.97
C VAL A 605 -25.78 22.57 18.38
N GLY A 606 -25.66 22.32 17.09
CA GLY A 606 -26.48 21.36 16.41
C GLY A 606 -27.09 21.96 15.17
N TRP A 607 -28.02 21.22 14.57
CA TRP A 607 -28.66 21.68 13.35
C TRP A 607 -30.04 21.09 13.24
N SER A 608 -30.89 21.74 12.46
CA SER A 608 -32.24 21.28 12.19
C SER A 608 -32.36 20.93 10.71
N THR A 609 -33.10 19.87 10.41
CA THR A 609 -33.15 19.31 9.07
C THR A 609 -34.34 19.81 8.27
N ASP A 610 -34.80 21.03 8.53
CA ASP A 610 -35.93 21.57 7.80
C ASP A 610 -35.61 22.82 6.99
N TRP A 611 -34.67 23.65 7.43
CA TRP A 611 -34.32 24.84 6.68
C TRP A 611 -33.54 24.47 5.42
N SER A 612 -33.72 25.27 4.38
CA SER A 612 -33.05 25.08 3.11
C SER A 612 -32.95 26.42 2.41
N PRO A 613 -31.86 26.68 1.69
CA PRO A 613 -31.65 28.04 1.14
C PRO A 613 -32.68 28.47 0.12
N TYR A 614 -33.58 27.61 -0.32
CA TYR A 614 -34.60 27.99 -1.28
C TYR A 614 -36.00 28.03 -0.70
N ALA A 615 -36.19 27.68 0.56
CA ALA A 615 -37.50 27.59 1.17
C ALA A 615 -38.15 28.90 1.35
N ASP A 616 -37.61 30.00 0.84
CA ASP A 616 -38.21 31.31 1.07
C ASP A 616 -38.21 32.17 -0.19
N PHE B 20 44.96 -24.29 -9.64
CA PHE B 20 44.14 -23.29 -8.96
C PHE B 20 43.63 -22.23 -9.91
N ASP B 21 44.52 -21.81 -10.82
CA ASP B 21 44.23 -20.71 -11.72
C ASP B 21 43.00 -20.98 -12.57
N GLU B 22 42.64 -22.25 -12.72
CA GLU B 22 41.54 -22.57 -13.64
C GLU B 22 40.20 -22.28 -13.00
N VAL B 23 39.83 -23.00 -11.95
CA VAL B 23 38.57 -22.66 -11.30
C VAL B 23 38.84 -21.72 -10.14
N PHE B 24 39.18 -20.47 -10.44
CA PHE B 24 38.93 -19.38 -9.52
C PHE B 24 38.60 -18.11 -10.30
N ASN B 25 39.10 -18.03 -11.54
CA ASN B 25 38.88 -16.83 -12.34
C ASN B 25 38.36 -17.14 -13.73
N ALA B 26 37.80 -18.32 -13.97
CA ALA B 26 37.43 -18.74 -15.31
C ALA B 26 36.38 -17.82 -15.92
N THR B 27 36.06 -18.03 -17.20
CA THR B 27 35.06 -17.22 -17.88
C THR B 27 33.63 -17.65 -17.58
N ARG B 28 33.41 -18.92 -17.24
CA ARG B 28 32.09 -19.41 -16.89
C ARG B 28 32.20 -20.43 -15.76
N PHE B 29 31.17 -20.46 -14.93
CA PHE B 29 31.08 -21.39 -13.81
C PHE B 29 29.93 -22.38 -14.06
N ALA B 30 29.81 -23.36 -13.16
CA ALA B 30 28.87 -24.46 -13.32
C ALA B 30 27.62 -24.24 -12.46
N SER B 31 26.53 -24.88 -12.89
CA SER B 31 25.26 -24.81 -12.19
C SER B 31 25.25 -25.76 -10.99
N VAL B 32 24.27 -25.58 -10.11
CA VAL B 32 24.33 -26.19 -8.78
C VAL B 32 23.99 -27.67 -8.83
N TYR B 33 23.05 -28.06 -9.68
CA TYR B 33 22.68 -29.47 -9.71
C TYR B 33 23.77 -30.32 -10.34
N ALA B 34 24.64 -29.73 -11.16
CA ALA B 34 25.75 -30.43 -11.81
C ALA B 34 27.00 -29.56 -11.69
N TRP B 35 27.79 -29.79 -10.64
CA TRP B 35 28.94 -28.96 -10.34
C TRP B 35 30.24 -29.59 -10.83
N ASN B 36 31.12 -28.77 -11.36
CA ASN B 36 32.44 -29.23 -11.77
C ASN B 36 33.21 -29.78 -10.58
N ARG B 37 33.96 -30.84 -10.81
CA ARG B 37 34.76 -31.45 -9.77
C ARG B 37 36.18 -31.63 -10.29
N LYS B 38 37.16 -31.33 -9.43
CA LYS B 38 38.57 -31.41 -9.78
C LYS B 38 39.32 -32.08 -8.64
N ARG B 39 39.88 -33.26 -8.91
CA ARG B 39 40.80 -33.90 -7.99
C ARG B 39 42.21 -33.42 -8.30
N ILE B 40 42.72 -32.50 -7.50
CA ILE B 40 43.96 -31.78 -7.78
C ILE B 40 45.15 -32.62 -7.32
N SER B 41 46.15 -32.74 -8.19
CA SER B 41 47.31 -33.56 -7.90
C SER B 41 48.37 -32.80 -7.10
N ASP B 46 50.10 -22.96 -3.33
CA ASP B 46 50.25 -21.58 -2.89
C ASP B 46 48.93 -21.01 -2.39
N TYR B 47 48.77 -20.90 -1.08
CA TYR B 47 47.55 -20.36 -0.49
C TYR B 47 47.60 -18.85 -0.32
N SER B 48 48.79 -18.27 -0.10
CA SER B 48 48.90 -16.87 0.28
C SER B 48 48.33 -15.93 -0.78
N VAL B 49 48.20 -16.36 -2.02
CA VAL B 49 47.81 -15.45 -3.09
C VAL B 49 46.30 -15.24 -3.14
N LEU B 50 45.51 -16.23 -2.70
CA LEU B 50 44.06 -16.08 -2.79
C LEU B 50 43.54 -14.99 -1.86
N TYR B 51 44.29 -14.65 -0.81
CA TYR B 51 43.78 -13.76 0.23
C TYR B 51 43.69 -12.31 -0.24
N ASN B 52 44.83 -11.73 -0.62
CA ASN B 52 44.90 -10.33 -1.02
C ASN B 52 44.27 -10.19 -2.40
N PHE B 53 42.95 -10.29 -2.42
CA PHE B 53 42.20 -10.29 -3.68
C PHE B 53 40.75 -9.89 -3.40
N ALA B 54 39.86 -10.24 -4.33
CA ALA B 54 38.45 -9.88 -4.39
C ALA B 54 37.77 -9.97 -3.03
N PRO B 55 36.72 -9.16 -2.79
CA PRO B 55 36.18 -8.99 -1.43
C PRO B 55 35.99 -10.23 -0.58
N PHE B 56 35.72 -11.39 -1.19
CA PHE B 56 35.56 -12.63 -0.43
C PHE B 56 34.54 -12.46 0.68
N PHE B 57 33.27 -12.24 0.32
CA PHE B 57 32.26 -11.82 1.28
C PHE B 57 32.01 -12.84 2.39
N THR B 58 32.68 -13.99 2.35
CA THR B 58 32.69 -14.93 3.46
C THR B 58 33.81 -15.93 3.29
N PHE B 59 34.55 -16.18 4.37
CA PHE B 59 35.67 -17.11 4.34
C PHE B 59 35.71 -17.92 5.63
N LYS B 60 34.54 -18.13 6.24
CA LYS B 60 34.46 -18.90 7.48
C LYS B 60 34.48 -20.41 7.22
N CYS B 61 35.66 -21.00 7.29
CA CYS B 61 35.82 -22.44 7.07
C CYS B 61 35.63 -23.18 8.39
N TYR B 62 36.10 -24.42 8.46
CA TYR B 62 35.97 -25.20 9.69
C TYR B 62 37.13 -26.13 9.97
N GLY B 63 37.55 -26.92 8.97
CA GLY B 63 38.44 -28.03 9.24
C GLY B 63 39.72 -27.62 9.95
N VAL B 64 40.36 -26.54 9.48
CA VAL B 64 41.60 -26.06 10.05
C VAL B 64 41.40 -24.59 10.42
N SER B 65 42.20 -24.14 11.39
CA SER B 65 42.12 -22.78 11.91
C SER B 65 42.38 -21.74 10.83
N PHE B 74 48.48 -33.44 3.05
CA PHE B 74 47.38 -34.24 2.56
C PHE B 74 47.81 -35.03 1.34
N THR B 75 47.12 -36.12 1.05
CA THR B 75 47.39 -36.89 -0.16
C THR B 75 47.03 -36.07 -1.39
N ASN B 76 45.74 -35.74 -1.54
CA ASN B 76 45.27 -34.92 -2.64
C ASN B 76 43.95 -34.29 -2.23
N VAL B 77 43.55 -33.25 -2.97
CA VAL B 77 42.40 -32.45 -2.60
C VAL B 77 41.45 -32.31 -3.78
N TYR B 78 40.15 -32.25 -3.46
CA TYR B 78 39.10 -31.96 -4.43
C TYR B 78 38.63 -30.51 -4.26
N ALA B 79 38.28 -29.88 -5.38
CA ALA B 79 37.85 -28.47 -5.36
C ALA B 79 36.59 -28.32 -6.22
N ASP B 80 35.44 -28.29 -5.56
CA ASP B 80 34.17 -28.14 -6.26
C ASP B 80 33.76 -26.68 -6.28
N SER B 81 32.85 -26.34 -7.20
CA SER B 81 32.46 -24.95 -7.36
C SER B 81 31.10 -24.87 -8.04
N PHE B 82 30.36 -23.81 -7.74
CA PHE B 82 29.06 -23.60 -8.35
C PHE B 82 28.62 -22.15 -8.20
N VAL B 83 27.42 -21.84 -8.66
CA VAL B 83 26.86 -20.49 -8.63
C VAL B 83 25.48 -20.57 -8.00
N ILE B 84 25.29 -19.87 -6.89
CA ILE B 84 24.00 -19.91 -6.21
C ILE B 84 23.51 -18.49 -5.94
N ARG B 85 22.40 -18.35 -5.22
CA ARG B 85 21.90 -17.05 -4.88
C ARG B 85 22.64 -16.50 -3.67
N GLY B 86 22.40 -15.23 -3.36
CA GLY B 86 23.04 -14.62 -2.22
C GLY B 86 22.57 -15.20 -0.90
N ASN B 87 21.29 -15.06 -0.60
CA ASN B 87 20.74 -15.45 0.69
C ASN B 87 20.68 -16.96 0.86
N GLU B 88 21.27 -17.72 -0.05
CA GLU B 88 21.41 -19.15 0.13
C GLU B 88 22.81 -19.55 0.55
N VAL B 89 23.77 -18.63 0.54
CA VAL B 89 25.15 -18.98 0.86
C VAL B 89 25.26 -19.50 2.29
N ARG B 90 24.37 -19.07 3.18
CA ARG B 90 24.40 -19.56 4.55
C ARG B 90 23.88 -20.99 4.68
N GLN B 91 23.55 -21.65 3.58
CA GLN B 91 23.10 -23.04 3.61
C GLN B 91 24.19 -24.03 3.24
N ILE B 92 25.30 -23.58 2.67
CA ILE B 92 26.41 -24.47 2.37
C ILE B 92 27.24 -24.59 3.63
N ALA B 93 26.86 -25.51 4.50
CA ALA B 93 27.47 -25.64 5.82
C ALA B 93 26.98 -26.91 6.50
N PRO B 94 27.75 -27.48 7.42
CA PRO B 94 27.29 -28.70 8.10
C PRO B 94 26.06 -28.43 8.94
N GLY B 95 25.02 -29.24 8.73
CA GLY B 95 23.83 -29.20 9.54
C GLY B 95 22.90 -28.03 9.25
N GLN B 96 22.49 -27.88 7.99
CA GLN B 96 21.59 -26.82 7.59
C GLN B 96 20.37 -27.44 6.92
N THR B 97 19.48 -26.57 6.43
CA THR B 97 18.27 -27.04 5.76
C THR B 97 17.81 -26.00 4.76
N GLY B 98 17.35 -26.48 3.62
CA GLY B 98 16.88 -25.62 2.56
C GLY B 98 16.77 -26.43 1.27
N ASN B 99 16.31 -25.76 0.23
CA ASN B 99 16.19 -26.41 -1.07
C ASN B 99 17.54 -26.57 -1.76
N ILE B 100 18.64 -26.21 -1.10
CA ILE B 100 19.98 -26.42 -1.62
C ILE B 100 20.70 -27.54 -0.87
N ALA B 101 20.60 -27.57 0.45
CA ALA B 101 21.23 -28.59 1.27
C ALA B 101 20.35 -29.80 1.47
N ASP B 102 19.25 -29.91 0.74
CA ASP B 102 18.41 -31.09 0.75
C ASP B 102 18.31 -31.77 -0.60
N TYR B 103 18.47 -31.02 -1.69
CA TYR B 103 18.35 -31.57 -3.02
C TYR B 103 19.53 -31.26 -3.93
N ASN B 104 20.40 -30.32 -3.57
CA ASN B 104 21.45 -29.88 -4.49
C ASN B 104 22.85 -30.17 -3.98
N TYR B 105 23.24 -29.71 -2.78
CA TYR B 105 24.60 -29.87 -2.31
C TYR B 105 24.59 -29.94 -0.80
N LYS B 106 25.13 -31.02 -0.25
CA LYS B 106 25.14 -31.22 1.20
C LYS B 106 26.54 -31.58 1.66
N LEU B 107 26.92 -31.03 2.76
CA LEU B 107 28.18 -31.36 3.40
C LEU B 107 27.94 -32.27 4.59
N PRO B 108 28.89 -33.16 4.90
CA PRO B 108 28.72 -34.04 6.06
C PRO B 108 28.92 -33.28 7.37
N ASP B 109 28.59 -33.97 8.47
CA ASP B 109 28.73 -33.35 9.77
C ASP B 109 30.18 -33.26 10.24
N ASP B 110 31.07 -34.09 9.69
CA ASP B 110 32.49 -34.06 10.03
C ASP B 110 33.33 -33.43 8.93
N PHE B 111 32.81 -32.37 8.32
CA PHE B 111 33.47 -31.68 7.21
C PHE B 111 34.92 -31.37 7.56
N THR B 112 35.81 -31.53 6.58
CA THR B 112 37.24 -31.33 6.80
C THR B 112 37.85 -30.20 5.99
N GLY B 113 37.41 -29.98 4.75
CA GLY B 113 37.89 -28.86 3.97
C GLY B 113 37.28 -27.57 4.46
N CYS B 114 37.20 -26.59 3.57
CA CYS B 114 36.63 -25.29 3.88
C CYS B 114 35.75 -24.80 2.72
N VAL B 115 35.20 -23.60 2.87
CA VAL B 115 34.35 -23.00 1.86
C VAL B 115 34.65 -21.51 1.73
N ILE B 116 34.60 -21.01 0.50
CA ILE B 116 34.71 -19.58 0.24
C ILE B 116 33.61 -19.20 -0.76
N ALA B 117 33.17 -17.95 -0.68
CA ALA B 117 32.10 -17.47 -1.55
C ALA B 117 32.24 -15.98 -1.75
N TRP B 118 31.98 -15.53 -2.98
CA TRP B 118 32.10 -14.12 -3.28
C TRP B 118 31.10 -13.71 -4.36
N ASN B 119 31.04 -12.42 -4.62
CA ASN B 119 30.06 -11.84 -5.51
C ASN B 119 30.59 -11.81 -6.94
N SER B 120 29.68 -12.01 -7.88
CA SER B 120 30.00 -11.90 -9.30
C SER B 120 28.86 -11.20 -10.04
N ASN B 121 28.33 -10.14 -9.45
CA ASN B 121 27.15 -9.49 -10.01
C ASN B 121 27.43 -8.88 -11.37
N LYS B 122 28.67 -8.46 -11.62
CA LYS B 122 28.96 -7.79 -12.88
C LYS B 122 29.37 -8.75 -13.99
N LEU B 123 29.75 -9.98 -13.65
CA LEU B 123 30.23 -10.93 -14.64
C LEU B 123 29.24 -12.06 -14.91
N ASP B 124 28.17 -12.18 -14.12
CA ASP B 124 27.22 -13.28 -14.24
C ASP B 124 25.77 -12.80 -14.24
N SER B 125 25.48 -11.66 -14.87
CA SER B 125 24.13 -11.14 -14.93
C SER B 125 23.99 -10.26 -16.16
N LYS B 126 22.77 -10.21 -16.70
CA LYS B 126 22.52 -9.45 -17.92
C LYS B 126 21.05 -9.08 -17.97
N VAL B 127 20.77 -7.92 -18.59
CA VAL B 127 19.39 -7.53 -18.83
C VAL B 127 18.67 -8.64 -19.57
N SER B 128 17.36 -8.77 -19.29
CA SER B 128 16.52 -9.84 -19.83
C SER B 128 16.98 -11.21 -19.36
N GLY B 129 17.58 -11.28 -18.18
CA GLY B 129 17.80 -12.55 -17.51
C GLY B 129 18.95 -13.37 -18.02
N ASN B 130 19.60 -14.10 -17.13
CA ASN B 130 20.67 -15.03 -17.45
C ASN B 130 20.15 -16.43 -17.12
N TYR B 131 19.44 -17.02 -18.07
CA TYR B 131 18.72 -18.27 -17.85
C TYR B 131 19.58 -19.50 -18.01
N ASN B 132 20.90 -19.38 -17.94
CA ASN B 132 21.79 -20.52 -18.14
C ASN B 132 22.34 -21.06 -16.82
N TYR B 133 21.67 -20.75 -15.70
CA TYR B 133 22.01 -21.31 -14.41
C TYR B 133 20.77 -21.97 -13.83
N LEU B 134 20.90 -23.23 -13.40
CA LEU B 134 19.77 -24.01 -13.00
C LEU B 134 19.96 -24.56 -11.58
N TYR B 135 18.84 -24.90 -10.95
CA TYR B 135 18.85 -25.58 -9.66
C TYR B 135 17.58 -26.40 -9.54
N ARG B 136 17.62 -27.41 -8.68
CA ARG B 136 16.54 -28.38 -8.56
C ARG B 136 15.78 -28.13 -7.26
N LEU B 137 14.45 -28.19 -7.33
CA LEU B 137 13.64 -27.95 -6.14
C LEU B 137 12.61 -29.06 -5.90
N PHE B 138 12.74 -30.20 -6.58
CA PHE B 138 11.86 -31.34 -6.35
C PHE B 138 12.67 -32.62 -6.33
N ARG B 139 12.48 -33.45 -5.31
CA ARG B 139 13.16 -34.74 -5.26
C ARG B 139 12.36 -35.67 -4.36
N LYS B 140 12.65 -36.97 -4.49
CA LYS B 140 11.93 -38.00 -3.75
C LYS B 140 12.63 -38.40 -2.46
N SER B 141 13.91 -38.07 -2.30
CA SER B 141 14.66 -38.41 -1.10
C SER B 141 15.79 -37.41 -0.95
N ASN B 142 16.09 -37.03 0.28
CA ASN B 142 17.10 -36.02 0.53
C ASN B 142 18.49 -36.55 0.21
N LEU B 143 19.37 -35.65 -0.21
CA LEU B 143 20.68 -36.04 -0.73
C LEU B 143 21.52 -36.68 0.36
N LYS B 144 22.45 -37.52 -0.07
CA LYS B 144 23.47 -38.03 0.82
C LYS B 144 24.72 -37.17 0.72
N PRO B 145 25.50 -37.07 1.80
CA PRO B 145 26.63 -36.15 1.79
C PRO B 145 27.57 -36.40 0.62
N PHE B 146 28.02 -35.32 0.00
CA PHE B 146 28.96 -35.36 -1.12
C PHE B 146 28.39 -36.14 -2.30
N GLU B 147 27.17 -35.82 -2.70
CA GLU B 147 26.53 -36.49 -3.81
C GLU B 147 26.11 -35.47 -4.86
N ARG B 148 25.95 -35.95 -6.09
CA ARG B 148 25.63 -35.13 -7.25
C ARG B 148 24.52 -35.80 -8.03
N ASP B 149 23.48 -35.03 -8.36
CA ASP B 149 22.30 -35.58 -9.01
C ASP B 149 22.09 -34.86 -10.34
N ILE B 150 22.22 -35.60 -11.44
CA ILE B 150 22.04 -35.08 -12.78
C ILE B 150 20.73 -35.54 -13.41
N SER B 151 20.04 -36.49 -12.78
CA SER B 151 18.83 -37.07 -13.35
C SER B 151 17.81 -36.00 -13.71
N THR B 152 16.97 -36.31 -14.69
CA THR B 152 15.99 -35.35 -15.20
C THR B 152 14.65 -36.05 -15.45
N GLU B 153 14.22 -36.87 -14.51
CA GLU B 153 12.91 -37.51 -14.60
C GLU B 153 11.82 -36.55 -14.12
N ILE B 154 10.63 -36.71 -14.68
CA ILE B 154 9.52 -35.83 -14.32
C ILE B 154 9.05 -36.17 -12.92
N TYR B 155 9.06 -35.18 -12.02
CA TYR B 155 8.66 -35.41 -10.64
C TYR B 155 7.20 -35.81 -10.57
N GLN B 156 6.88 -36.64 -9.57
CA GLN B 156 5.53 -37.18 -9.41
C GLN B 156 5.07 -36.89 -7.98
N ALA B 157 4.09 -36.00 -7.85
CA ALA B 157 3.56 -35.62 -6.55
C ALA B 157 2.30 -36.39 -6.19
N GLY B 158 1.36 -36.52 -7.11
CA GLY B 158 0.12 -37.21 -6.85
C GLY B 158 0.30 -38.71 -6.74
N ASN B 159 -0.78 -39.44 -7.04
CA ASN B 159 -0.74 -40.88 -7.01
C ASN B 159 -0.99 -41.53 -8.36
N LYS B 160 -1.67 -40.86 -9.27
CA LYS B 160 -1.75 -41.39 -10.63
C LYS B 160 -0.44 -41.14 -11.35
N PRO B 161 0.23 -42.18 -11.81
CA PRO B 161 1.54 -42.00 -12.44
C PRO B 161 1.45 -41.07 -13.65
N CYS B 162 2.58 -40.47 -13.98
CA CYS B 162 2.64 -39.44 -15.02
C CYS B 162 3.11 -39.97 -16.36
N ASN B 163 4.07 -40.90 -16.36
CA ASN B 163 4.56 -41.52 -17.58
C ASN B 163 5.17 -40.50 -18.52
N GLY B 164 6.08 -39.69 -17.97
CA GLY B 164 6.98 -38.86 -18.77
C GLY B 164 6.38 -37.66 -19.49
N VAL B 165 5.41 -36.98 -18.87
CA VAL B 165 4.77 -35.81 -19.48
C VAL B 165 4.25 -34.91 -18.38
N ALA B 166 4.53 -33.62 -18.50
CA ALA B 166 4.13 -32.66 -17.49
C ALA B 166 2.62 -32.49 -17.47
N GLY B 167 2.13 -31.76 -16.47
CA GLY B 167 0.70 -31.54 -16.35
C GLY B 167 0.23 -31.35 -14.92
N PHE B 168 -0.75 -32.14 -14.51
CA PHE B 168 -1.31 -32.05 -13.17
C PHE B 168 -0.54 -32.98 -12.23
N ASN B 169 -0.07 -32.43 -11.12
CA ASN B 169 0.67 -33.13 -10.08
C ASN B 169 1.96 -33.77 -10.58
N CYS B 170 2.45 -33.37 -11.75
CA CYS B 170 3.71 -33.89 -12.28
C CYS B 170 4.47 -32.72 -12.89
N TYR B 171 5.63 -32.38 -12.32
CA TYR B 171 6.33 -31.18 -12.70
C TYR B 171 7.71 -31.50 -13.27
N PHE B 172 8.32 -30.49 -13.88
CA PHE B 172 9.68 -30.56 -14.36
C PHE B 172 10.60 -29.94 -13.30
N PRO B 173 11.58 -30.67 -12.77
CA PRO B 173 12.21 -30.26 -11.52
C PRO B 173 13.38 -29.30 -11.64
N LEU B 174 13.61 -28.64 -12.77
CA LEU B 174 14.77 -27.76 -12.91
C LEU B 174 14.31 -26.35 -13.28
N ARG B 175 14.20 -25.49 -12.28
CA ARG B 175 13.91 -24.08 -12.54
C ARG B 175 15.20 -23.33 -12.83
N SER B 176 15.13 -22.00 -12.84
CA SER B 176 16.30 -21.21 -13.19
C SER B 176 16.25 -19.81 -12.60
N TYR B 177 17.37 -19.37 -12.02
CA TYR B 177 17.45 -18.00 -11.56
C TYR B 177 17.30 -17.05 -12.74
N GLY B 178 16.51 -16.00 -12.56
CA GLY B 178 16.49 -14.93 -13.54
C GLY B 178 17.47 -13.83 -13.18
N PHE B 179 18.76 -14.11 -13.29
CA PHE B 179 19.76 -13.18 -12.82
C PHE B 179 19.72 -11.89 -13.62
N ARG B 180 19.62 -10.76 -12.93
CA ARG B 180 19.65 -9.44 -13.52
C ARG B 180 20.45 -8.53 -12.62
N PRO B 181 21.02 -7.44 -13.16
CA PRO B 181 21.86 -6.58 -12.32
C PRO B 181 21.08 -5.74 -11.31
N THR B 182 19.81 -5.45 -11.56
CA THR B 182 19.02 -4.62 -10.65
C THR B 182 18.29 -5.49 -9.63
N TYR B 183 19.05 -6.28 -8.90
CA TYR B 183 18.56 -7.09 -7.80
C TYR B 183 19.20 -6.64 -6.51
N GLY B 184 18.46 -6.74 -5.42
CA GLY B 184 19.03 -6.43 -4.12
C GLY B 184 20.00 -7.50 -3.67
N VAL B 185 20.98 -7.08 -2.88
CA VAL B 185 21.98 -8.02 -2.39
C VAL B 185 21.28 -9.11 -1.60
N GLY B 186 21.38 -10.34 -2.09
CA GLY B 186 20.59 -11.45 -1.60
C GLY B 186 19.85 -12.19 -2.69
N HIS B 187 19.63 -11.54 -3.83
CA HIS B 187 19.09 -12.21 -5.01
C HIS B 187 20.07 -12.16 -6.18
N GLN B 188 21.28 -11.65 -5.96
CA GLN B 188 22.32 -11.58 -6.96
C GLN B 188 23.05 -12.92 -7.03
N PRO B 189 23.83 -13.15 -8.08
CA PRO B 189 24.57 -14.41 -8.17
C PRO B 189 25.86 -14.35 -7.36
N TYR B 190 26.14 -15.45 -6.68
CA TYR B 190 27.35 -15.60 -5.89
C TYR B 190 28.06 -16.88 -6.33
N ARG B 191 29.38 -16.79 -6.49
CA ARG B 191 30.19 -17.93 -6.85
C ARG B 191 30.78 -18.54 -5.59
N VAL B 192 30.64 -19.86 -5.46
CA VAL B 192 31.09 -20.58 -4.28
C VAL B 192 32.10 -21.62 -4.71
N VAL B 193 33.14 -21.79 -3.89
CA VAL B 193 34.21 -22.76 -4.13
C VAL B 193 34.50 -23.47 -2.81
N VAL B 194 34.38 -24.79 -2.82
CA VAL B 194 34.63 -25.61 -1.64
C VAL B 194 35.86 -26.46 -1.89
N LEU B 195 36.78 -26.47 -0.93
CA LEU B 195 37.97 -27.31 -0.97
C LEU B 195 37.81 -28.40 0.07
N SER B 196 38.16 -29.63 -0.28
CA SER B 196 37.97 -30.74 0.62
C SER B 196 39.30 -31.33 1.06
N PHE B 197 39.30 -31.90 2.27
CA PHE B 197 40.46 -32.57 2.86
C PHE B 197 40.10 -34.01 3.20
N GLU B 198 41.11 -34.80 3.53
CA GLU B 198 40.92 -36.22 3.77
C GLU B 198 41.98 -36.82 4.69
#